data_6H1O
#
_entry.id   6H1O
#
_cell.length_a   59.853
_cell.length_b   150.009
_cell.length_c   61.069
_cell.angle_alpha   90.00
_cell.angle_beta   96.85
_cell.angle_gamma   90.00
#
_symmetry.space_group_name_H-M   'P 1 21 1'
#
loop_
_entity.id
_entity.type
_entity.pdbx_description
1 polymer 'Bifunctional cytochrome P450/NADPH--P450 reductase'
2 non-polymer 'PROTOPORPHYRIN IX CONTAINING FE'
3 non-polymer Voriconazole
4 non-polymer 'PHOSPHATE ION'
5 non-polymer GLYCEROL
6 non-polymer 1,2-ETHANEDIOL
7 water water
#
_entity_poly.entity_id   1
_entity_poly.type   'polypeptide(L)'
_entity_poly.pdbx_seq_one_letter_code
;TIKEMPQPKTFGELKNLPLLNTDKPVQALMKIADELGEIFKFEAPGRVTRYLSSQRLIKEACDESRFDKNLSQALKFVRD
FFGDGLVTSWTHEKNWKKAHNILLPSFSQQAMKGYHAMMVDIAVQLVQKWERLNADEHIEVPEDMTRLTLDTIGLCGFNY
RFNSFYRDQPHPFITSMVRALDEAMNKLQRANPDDPAYDENKRQFQEDIKVMNDLVDKIIADRKASGEQSDDLLTHMLNG
KDPETGEPLDDENIRYQIITFLIAGHETTSGLLSFALYFLVKNPHVLQKAAEEAARVLVDPVPSYKQVKQLKYVGMVLNE
ALRLWPTAPAFSLYAKEDTVLGGEYPLEKGDELMVLIPQLHRDKTIWGDDVEEFRPERFENPSAIPQHAFKPFGNGQRAC
IGQQFALHEATLVLGMMLKHFDFEDHTNYELDIKETLTLKPEGFVVKAKSKKIPLGG
;
_entity_poly.pdbx_strand_id   A,B
#
loop_
_chem_comp.id
_chem_comp.type
_chem_comp.name
_chem_comp.formula
EDO non-polymer 1,2-ETHANEDIOL 'C2 H6 O2'
GOL non-polymer GLYCEROL 'C3 H8 O3'
HEM non-polymer 'PROTOPORPHYRIN IX CONTAINING FE' 'C34 H32 Fe N4 O4'
PO4 non-polymer 'PHOSPHATE ION' 'O4 P -3'
VOR non-polymer Voriconazole 'C16 H14 F3 N5 O'
#
# COMPACT_ATOMS: atom_id res chain seq x y z
N ILE A 2 17.86 5.16 29.30
CA ILE A 2 18.94 5.60 30.16
C ILE A 2 18.55 6.88 30.91
N LYS A 3 17.40 7.47 30.57
CA LYS A 3 16.97 8.67 31.29
C LYS A 3 15.63 8.55 31.99
N GLU A 4 15.46 9.46 32.93
CA GLU A 4 14.27 9.58 33.75
C GLU A 4 13.37 10.68 33.21
N MET A 5 12.16 10.43 33.20
CA MET A 5 11.17 11.20 32.46
C MET A 5 10.60 12.34 33.30
N PRO A 6 10.44 13.52 32.70
CA PRO A 6 9.79 14.61 33.41
C PRO A 6 8.33 14.28 33.67
N GLN A 7 7.78 14.93 34.70
CA GLN A 7 6.37 14.79 35.02
C GLN A 7 5.82 16.10 35.58
N PRO A 8 4.62 16.52 35.17
CA PRO A 8 4.00 17.70 35.77
C PRO A 8 3.48 17.47 37.19
N LYS A 9 2.92 18.52 37.79
CA LYS A 9 2.52 18.53 39.20
C LYS A 9 1.54 17.40 39.51
N THR A 10 1.79 16.70 40.62
CA THR A 10 0.89 15.64 41.08
C THR A 10 0.08 16.11 42.29
N PHE A 11 -1.06 15.44 42.49
CA PHE A 11 -2.01 15.80 43.52
C PHE A 11 -2.36 14.57 44.37
N GLY A 12 -1.37 14.03 45.05
CA GLY A 12 -1.63 12.87 45.89
C GLY A 12 -2.14 11.69 45.09
N GLU A 13 -3.23 11.08 45.54
CA GLU A 13 -3.70 9.86 44.91
C GLU A 13 -4.34 10.13 43.56
N LEU A 14 -4.71 11.37 43.25
CA LEU A 14 -5.21 11.74 41.93
C LEU A 14 -4.10 11.88 40.89
N LYS A 15 -2.83 11.84 41.30
CA LYS A 15 -1.68 11.92 40.39
C LYS A 15 -1.84 13.20 39.58
N ASN A 16 -1.73 13.15 38.24
CA ASN A 16 -1.78 14.36 37.42
C ASN A 16 -3.18 14.75 36.98
N LEU A 17 -4.19 13.93 37.27
CA LEU A 17 -5.53 14.11 36.74
C LEU A 17 -6.11 15.52 36.93
N PRO A 18 -5.96 16.18 38.09
CA PRO A 18 -6.50 17.54 38.22
C PRO A 18 -5.97 18.54 37.21
N LEU A 19 -4.80 18.30 36.62
CA LEU A 19 -4.31 19.23 35.61
C LEU A 19 -5.22 19.30 34.39
N LEU A 20 -6.06 18.29 34.17
CA LEU A 20 -6.98 18.32 33.04
C LEU A 20 -8.39 18.74 33.44
N ASN A 21 -8.56 19.26 34.66
CA ASN A 21 -9.80 19.92 35.08
C ASN A 21 -9.80 21.33 34.48
N THR A 22 -9.99 21.37 33.17
CA THR A 22 -10.00 22.61 32.39
C THR A 22 -10.80 22.35 31.13
N ASP A 23 -11.39 23.39 30.58
CA ASP A 23 -12.07 23.17 29.31
C ASP A 23 -11.10 23.14 28.13
N LYS A 24 -9.82 23.41 28.35
CA LYS A 24 -8.84 23.41 27.25
C LYS A 24 -7.66 22.47 27.58
N PRO A 25 -7.93 21.17 27.71
CA PRO A 25 -6.86 20.25 28.14
C PRO A 25 -5.73 20.10 27.13
N VAL A 26 -6.01 20.09 25.83
CA VAL A 26 -4.91 19.93 24.88
C VAL A 26 -4.01 21.15 24.92
N GLN A 27 -4.58 22.34 25.06
CA GLN A 27 -3.73 23.52 25.16
C GLN A 27 -2.96 23.52 26.48
N ALA A 28 -3.54 22.97 27.55
CA ALA A 28 -2.79 22.81 28.80
C ALA A 28 -1.63 21.83 28.64
N LEU A 29 -1.86 20.71 27.93
CA LEU A 29 -0.76 19.77 27.70
C LEU A 29 0.32 20.36 26.80
N MET A 30 -0.05 21.23 25.85
CA MET A 30 0.97 21.91 25.06
C MET A 30 1.86 22.78 25.94
N LYS A 31 1.26 23.47 26.93
CA LYS A 31 2.08 24.27 27.84
C LYS A 31 3.01 23.40 28.68
N ILE A 32 2.52 22.28 29.18
CA ILE A 32 3.39 21.34 29.89
C ILE A 32 4.53 20.87 28.99
N ALA A 33 4.23 20.60 27.71
CA ALA A 33 5.28 20.19 26.80
C ALA A 33 6.29 21.31 26.59
N ASP A 34 5.83 22.57 26.53
CA ASP A 34 6.74 23.70 26.43
C ASP A 34 7.66 23.78 27.63
N GLU A 35 7.15 23.45 28.82
CA GLU A 35 7.96 23.51 30.03
C GLU A 35 8.87 22.30 30.18
N LEU A 36 8.39 21.10 29.82
CA LEU A 36 9.13 19.89 30.18
C LEU A 36 9.87 19.25 29.01
N GLY A 37 9.52 19.59 27.77
CA GLY A 37 10.28 19.08 26.64
C GLY A 37 9.59 17.99 25.83
N GLU A 38 10.43 17.22 25.13
CA GLU A 38 9.94 16.31 24.10
C GLU A 38 9.16 15.12 24.65
N ILE A 39 9.26 14.81 25.94
CA ILE A 39 8.49 13.69 26.49
C ILE A 39 8.22 13.96 27.96
N PHE A 40 7.00 13.63 28.40
CA PHE A 40 6.71 13.66 29.82
C PHE A 40 5.67 12.62 30.14
N LYS A 41 5.71 12.18 31.39
CA LYS A 41 4.85 11.13 31.88
C LYS A 41 3.65 11.79 32.53
N PHE A 42 2.47 11.24 32.24
CA PHE A 42 1.24 11.78 32.80
C PHE A 42 0.49 10.62 33.40
N GLU A 43 0.22 10.69 34.69
CA GLU A 43 -0.43 9.61 35.43
C GLU A 43 -1.81 10.03 35.90
N ALA A 44 -2.75 9.09 35.86
CA ALA A 44 -4.06 9.24 36.46
C ALA A 44 -4.32 7.97 37.26
N PRO A 45 -5.33 7.98 38.16
CA PRO A 45 -5.67 6.73 38.85
C PRO A 45 -5.84 5.57 37.89
N GLY A 46 -4.89 4.65 37.92
CA GLY A 46 -5.00 3.44 37.12
C GLY A 46 -4.57 3.55 35.68
N ARG A 47 -3.89 4.63 35.28
CA ARG A 47 -3.39 4.67 33.91
C ARG A 47 -2.21 5.63 33.80
N VAL A 48 -1.30 5.29 32.89
CA VAL A 48 -0.12 6.08 32.62
C VAL A 48 -0.07 6.35 31.12
N THR A 49 0.33 7.57 30.75
CA THR A 49 0.43 7.96 29.36
C THR A 49 1.71 8.75 29.23
N ARG A 50 2.49 8.52 28.17
CA ARG A 50 3.67 9.32 27.88
CA ARG A 50 3.65 9.34 27.90
C ARG A 50 3.35 10.21 26.68
N TYR A 51 3.45 11.53 26.86
CA TYR A 51 3.18 12.49 25.80
C TYR A 51 4.44 12.83 25.04
N LEU A 52 4.40 12.68 23.70
CA LEU A 52 5.53 12.97 22.84
C LEU A 52 5.31 14.27 22.07
N SER A 53 6.36 15.07 21.94
CA SER A 53 6.29 16.34 21.24
C SER A 53 7.37 16.56 20.17
N SER A 54 8.42 15.75 20.11
CA SER A 54 9.50 15.98 19.14
C SER A 54 9.39 15.01 17.97
N GLN A 55 9.76 15.48 16.77
CA GLN A 55 9.83 14.60 15.61
C GLN A 55 10.79 13.45 15.82
N ARG A 56 11.86 13.68 16.59
CA ARG A 56 12.84 12.63 16.86
C ARG A 56 12.18 11.40 17.49
N LEU A 57 11.33 11.62 18.49
CA LEU A 57 10.68 10.50 19.16
C LEU A 57 9.43 10.02 18.43
N ILE A 58 8.69 10.95 17.81
CA ILE A 58 7.44 10.58 17.16
C ILE A 58 7.71 9.74 15.92
N LYS A 59 8.83 9.98 15.22
CA LYS A 59 9.15 9.16 14.06
C LYS A 59 9.36 7.70 14.45
N GLU A 60 9.90 7.45 15.64
CA GLU A 60 10.01 6.08 16.13
C GLU A 60 8.65 5.53 16.55
N ALA A 61 7.85 6.35 17.22
CA ALA A 61 6.51 5.90 17.59
C ALA A 61 5.69 5.49 16.35
N CYS A 62 5.99 6.08 15.20
CA CYS A 62 5.23 5.79 13.98
C CYS A 62 5.74 4.55 13.26
N ASP A 63 6.69 3.82 13.84
CA ASP A 63 7.19 2.58 13.29
C ASP A 63 6.20 1.47 13.65
N GLU A 64 5.45 0.99 12.66
CA GLU A 64 4.37 0.04 12.90
C GLU A 64 4.86 -1.36 13.25
N SER A 65 6.15 -1.64 13.07
CA SER A 65 6.68 -2.89 13.58
C SER A 65 6.83 -2.87 15.10
N ARG A 66 6.86 -1.69 15.70
CA ARG A 66 7.09 -1.55 17.13
C ARG A 66 5.90 -1.02 17.91
N PHE A 67 5.03 -0.22 17.29
CA PHE A 67 3.90 0.38 17.97
C PHE A 67 2.66 0.23 17.11
N ASP A 68 1.51 0.01 17.74
CA ASP A 68 0.23 -0.07 17.03
C ASP A 68 -0.69 1.01 17.58
N LYS A 69 -1.74 1.32 16.83
CA LYS A 69 -2.74 2.24 17.34
C LYS A 69 -3.35 1.75 18.64
N ASN A 70 -3.47 2.66 19.61
CA ASN A 70 -4.10 2.37 20.88
C ASN A 70 -5.47 3.04 20.91
N LEU A 71 -6.44 2.38 21.55
CA LEU A 71 -7.69 3.05 21.90
C LEU A 71 -7.45 3.77 23.21
N SER A 72 -7.25 5.08 23.12
CA SER A 72 -7.06 5.98 24.24
C SER A 72 -8.31 6.01 25.10
N GLN A 73 -8.24 6.71 26.23
N GLN A 73 -8.21 6.70 26.24
CA GLN A 73 -9.43 6.82 27.06
CA GLN A 73 -9.39 6.89 27.10
C GLN A 73 -10.55 7.52 26.30
C GLN A 73 -10.52 7.50 26.30
N ALA A 74 -10.21 8.52 25.49
CA ALA A 74 -11.24 9.18 24.68
C ALA A 74 -11.88 8.22 23.69
N LEU A 75 -11.09 7.40 22.98
CA LEU A 75 -11.70 6.49 22.00
C LEU A 75 -12.49 5.38 22.69
N LYS A 76 -12.01 4.91 23.84
CA LYS A 76 -12.79 3.94 24.59
C LYS A 76 -14.12 4.54 25.05
N PHE A 77 -14.13 5.83 25.37
CA PHE A 77 -15.37 6.49 25.75
C PHE A 77 -16.34 6.59 24.56
N VAL A 78 -15.87 7.13 23.44
CA VAL A 78 -16.80 7.29 22.31
C VAL A 78 -17.15 5.98 21.63
N ARG A 79 -16.47 4.89 21.97
CA ARG A 79 -16.88 3.60 21.44
C ARG A 79 -18.30 3.24 21.89
N ASP A 80 -18.80 3.84 22.98
CA ASP A 80 -20.18 3.61 23.36
C ASP A 80 -21.13 4.00 22.22
N PHE A 81 -20.74 4.95 21.37
CA PHE A 81 -21.54 5.43 20.26
C PHE A 81 -21.10 4.88 18.90
N PHE A 82 -19.79 4.71 18.71
CA PHE A 82 -19.24 4.35 17.40
C PHE A 82 -18.85 2.89 17.30
N GLY A 83 -18.93 2.14 18.40
CA GLY A 83 -18.85 0.69 18.37
C GLY A 83 -17.55 0.22 17.76
N ASP A 84 -17.63 -0.80 16.92
CA ASP A 84 -16.43 -1.26 16.22
C ASP A 84 -16.34 -0.69 14.81
N GLY A 85 -16.79 0.56 14.63
CA GLY A 85 -16.50 1.33 13.43
C GLY A 85 -15.01 1.52 13.22
N LEU A 86 -14.62 2.13 12.09
CA LEU A 86 -13.20 2.14 11.74
C LEU A 86 -12.33 2.89 12.76
N VAL A 87 -12.83 4.00 13.33
CA VAL A 87 -11.98 4.81 14.22
C VAL A 87 -11.79 4.15 15.58
N THR A 88 -12.78 3.39 16.04
CA THR A 88 -12.81 2.92 17.43
C THR A 88 -12.55 1.42 17.57
N SER A 89 -12.07 0.73 16.54
CA SER A 89 -11.73 -0.68 16.64
C SER A 89 -10.22 -0.88 16.73
N TRP A 90 -9.78 -1.93 17.41
CA TRP A 90 -8.37 -2.29 17.42
C TRP A 90 -7.93 -2.77 16.06
N THR A 91 -6.65 -2.57 15.74
CA THR A 91 -6.15 -3.01 14.44
C THR A 91 -6.34 -4.50 14.24
N HIS A 92 -6.33 -5.29 15.32
CA HIS A 92 -6.44 -6.73 15.19
C HIS A 92 -7.85 -7.24 15.50
N GLU A 93 -8.79 -6.33 15.75
CA GLU A 93 -10.20 -6.66 15.79
C GLU A 93 -10.67 -6.94 14.36
N LYS A 94 -11.29 -8.10 14.14
CA LYS A 94 -11.53 -8.55 12.76
C LYS A 94 -12.28 -7.50 11.94
N ASN A 95 -13.22 -6.79 12.55
CA ASN A 95 -14.00 -5.84 11.76
C ASN A 95 -13.20 -4.59 11.37
N TRP A 96 -12.01 -4.34 11.94
CA TRP A 96 -11.23 -3.20 11.42
C TRP A 96 -10.77 -3.48 10.00
N LYS A 97 -9.95 -4.52 9.82
CA LYS A 97 -9.40 -4.75 8.48
C LYS A 97 -10.50 -5.07 7.47
N LYS A 98 -11.56 -5.76 7.91
CA LYS A 98 -12.65 -6.08 7.00
C LYS A 98 -13.31 -4.81 6.48
N ALA A 99 -13.67 -3.89 7.37
CA ALA A 99 -14.28 -2.64 6.94
C ALA A 99 -13.29 -1.77 6.16
N HIS A 100 -12.02 -1.73 6.59
CA HIS A 100 -11.01 -1.01 5.82
C HIS A 100 -10.98 -1.51 4.38
N ASN A 101 -10.97 -2.84 4.21
CA ASN A 101 -10.91 -3.40 2.86
C ASN A 101 -12.13 -3.00 2.04
N ILE A 102 -13.31 -3.01 2.66
CA ILE A 102 -14.55 -2.75 1.95
C ILE A 102 -14.70 -1.27 1.62
N LEU A 103 -14.26 -0.37 2.51
CA LEU A 103 -14.50 1.05 2.32
C LEU A 103 -13.34 1.81 1.71
N LEU A 104 -12.12 1.25 1.66
CA LEU A 104 -11.02 1.93 1.00
C LEU A 104 -11.38 2.45 -0.39
N PRO A 105 -12.08 1.70 -1.25
CA PRO A 105 -12.35 2.21 -2.61
C PRO A 105 -13.25 3.42 -2.64
N SER A 106 -14.00 3.68 -1.57
CA SER A 106 -14.84 4.87 -1.49
C SER A 106 -14.03 6.14 -1.25
N PHE A 107 -12.70 6.05 -1.07
CA PHE A 107 -11.91 7.24 -0.74
C PHE A 107 -10.74 7.42 -1.70
N SER A 108 -10.76 6.72 -2.82
CA SER A 108 -9.79 6.88 -3.89
C SER A 108 -9.99 8.19 -4.64
N GLN A 109 -9.01 8.55 -5.46
CA GLN A 109 -9.21 9.70 -6.35
C GLN A 109 -10.37 9.47 -7.32
N GLN A 110 -10.54 8.25 -7.84
CA GLN A 110 -11.69 7.99 -8.67
C GLN A 110 -13.00 8.25 -7.93
N ALA A 111 -13.07 7.88 -6.65
CA ALA A 111 -14.29 8.19 -5.90
C ALA A 111 -14.43 9.69 -5.73
N MET A 112 -13.33 10.42 -5.51
CA MET A 112 -13.39 11.87 -5.36
C MET A 112 -13.94 12.54 -6.60
N LYS A 113 -13.54 12.06 -7.78
CA LYS A 113 -14.11 12.61 -9.01
C LYS A 113 -15.62 12.44 -9.02
N GLY A 114 -16.11 11.33 -8.47
CA GLY A 114 -17.54 11.10 -8.42
C GLY A 114 -18.25 11.92 -7.35
N TYR A 115 -17.55 12.28 -6.28
CA TYR A 115 -18.16 13.12 -5.24
C TYR A 115 -18.19 14.58 -5.63
N HIS A 116 -17.36 15.00 -6.59
CA HIS A 116 -17.09 16.41 -6.81
C HIS A 116 -18.39 17.21 -7.03
N ALA A 117 -19.27 16.71 -7.90
CA ALA A 117 -20.48 17.48 -8.24
C ALA A 117 -21.35 17.73 -7.00
N MET A 118 -21.43 16.75 -6.09
CA MET A 118 -22.21 16.97 -4.88
C MET A 118 -21.49 17.90 -3.90
N MET A 119 -20.14 17.86 -3.84
CA MET A 119 -19.45 18.86 -3.05
C MET A 119 -19.74 20.26 -3.58
N VAL A 120 -19.78 20.41 -4.91
CA VAL A 120 -20.07 21.72 -5.49
C VAL A 120 -21.48 22.17 -5.13
N ASP A 121 -22.44 21.22 -5.14
CA ASP A 121 -23.82 21.53 -4.74
C ASP A 121 -23.85 22.26 -3.39
N ILE A 122 -23.19 21.69 -2.38
CA ILE A 122 -23.22 22.31 -1.06
C ILE A 122 -22.39 23.59 -1.04
N ALA A 123 -21.23 23.60 -1.71
CA ALA A 123 -20.41 24.81 -1.70
C ALA A 123 -21.15 25.99 -2.32
N VAL A 124 -21.91 25.73 -3.39
CA VAL A 124 -22.69 26.81 -3.99
C VAL A 124 -23.74 27.32 -3.02
N GLN A 125 -24.34 26.42 -2.22
CA GLN A 125 -25.29 26.87 -1.20
C GLN A 125 -24.63 27.79 -0.18
N LEU A 126 -23.39 27.48 0.23
CA LEU A 126 -22.67 28.36 1.14
C LEU A 126 -22.46 29.73 0.50
N VAL A 127 -21.93 29.75 -0.72
CA VAL A 127 -21.65 31.03 -1.38
C VAL A 127 -22.94 31.81 -1.56
N GLN A 128 -24.03 31.13 -1.92
CA GLN A 128 -25.29 31.87 -2.10
C GLN A 128 -25.80 32.45 -0.79
N LYS A 129 -25.63 31.74 0.33
CA LYS A 129 -26.03 32.32 1.62
C LYS A 129 -25.32 33.65 1.85
N TRP A 130 -23.99 33.66 1.69
CA TRP A 130 -23.23 34.88 1.95
C TRP A 130 -23.53 35.98 0.93
N GLU A 131 -23.82 35.60 -0.32
CA GLU A 131 -24.21 36.60 -1.32
C GLU A 131 -25.50 37.30 -0.94
N ARG A 132 -26.33 36.62 -0.15
CA ARG A 132 -27.67 37.09 0.13
C ARG A 132 -27.79 37.83 1.46
N LEU A 133 -26.69 37.99 2.19
CA LEU A 133 -26.74 38.76 3.43
C LEU A 133 -26.96 40.24 3.14
N ASN A 134 -27.63 40.91 4.05
CA ASN A 134 -27.87 42.33 3.89
C ASN A 134 -26.67 43.15 4.35
N ALA A 135 -26.75 44.46 4.11
CA ALA A 135 -25.66 45.34 4.53
C ALA A 135 -25.42 45.23 6.02
N ASP A 136 -24.14 45.22 6.40
CA ASP A 136 -23.66 45.20 7.79
C ASP A 136 -23.88 43.88 8.50
N GLU A 137 -24.48 42.87 7.86
CA GLU A 137 -24.59 41.56 8.49
C GLU A 137 -23.25 40.83 8.43
N HIS A 138 -23.03 39.95 9.39
CA HIS A 138 -21.76 39.21 9.46
C HIS A 138 -22.02 37.71 9.35
N ILE A 139 -20.91 36.96 9.35
CA ILE A 139 -20.88 35.52 9.19
C ILE A 139 -20.35 34.87 10.46
N GLU A 140 -21.05 33.87 10.97
CA GLU A 140 -20.53 33.05 12.06
C GLU A 140 -19.77 31.90 11.41
N VAL A 141 -18.44 31.96 11.47
CA VAL A 141 -17.64 31.17 10.56
C VAL A 141 -17.71 29.68 10.90
N PRO A 142 -17.39 29.23 12.13
CA PRO A 142 -17.48 27.77 12.39
C PRO A 142 -18.89 27.21 12.21
N GLU A 143 -19.91 28.01 12.54
CA GLU A 143 -21.29 27.59 12.35
C GLU A 143 -21.58 27.29 10.87
N ASP A 144 -21.23 28.21 9.98
CA ASP A 144 -21.47 27.96 8.56
C ASP A 144 -20.55 26.89 7.98
N MET A 145 -19.31 26.79 8.48
CA MET A 145 -18.46 25.71 7.99
C MET A 145 -19.03 24.35 8.39
N THR A 146 -19.65 24.26 9.58
CA THR A 146 -20.25 23.00 10.01
C THR A 146 -21.51 22.69 9.20
N ARG A 147 -22.32 23.71 8.89
CA ARG A 147 -23.43 23.51 7.94
C ARG A 147 -22.94 22.88 6.64
N LEU A 148 -21.85 23.41 6.08
CA LEU A 148 -21.34 22.90 4.81
C LEU A 148 -20.77 21.48 4.96
N THR A 149 -19.92 21.25 5.97
CA THR A 149 -19.24 19.94 5.99
C THR A 149 -20.21 18.82 6.35
N LEU A 150 -21.14 19.05 7.28
CA LEU A 150 -22.17 18.06 7.58
C LEU A 150 -23.00 17.75 6.34
N ASP A 151 -23.46 18.79 5.63
CA ASP A 151 -24.24 18.54 4.43
C ASP A 151 -23.43 17.78 3.40
N THR A 152 -22.14 18.10 3.27
CA THR A 152 -21.33 17.43 2.25
C THR A 152 -21.16 15.94 2.54
N ILE A 153 -20.88 15.55 3.79
CA ILE A 153 -20.72 14.11 4.02
C ILE A 153 -22.07 13.40 3.93
N GLY A 154 -23.16 14.06 4.34
CA GLY A 154 -24.49 13.47 4.18
C GLY A 154 -24.82 13.20 2.72
N LEU A 155 -24.61 14.19 1.85
CA LEU A 155 -25.01 14.04 0.46
C LEU A 155 -24.06 13.12 -0.30
N CYS A 156 -22.75 13.40 -0.23
CA CYS A 156 -21.77 12.58 -0.94
C CYS A 156 -21.74 11.14 -0.45
N GLY A 157 -21.83 10.94 0.87
CA GLY A 157 -21.68 9.61 1.41
C GLY A 157 -22.95 8.79 1.35
N PHE A 158 -24.12 9.44 1.48
CA PHE A 158 -25.33 8.71 1.81
C PHE A 158 -26.54 9.18 1.03
N ASN A 159 -26.35 10.11 0.11
CA ASN A 159 -27.45 10.75 -0.63
C ASN A 159 -28.55 11.18 0.33
N TYR A 160 -28.15 11.73 1.48
CA TYR A 160 -29.08 12.28 2.46
C TYR A 160 -28.83 13.77 2.57
N ARG A 161 -29.90 14.57 2.50
CA ARG A 161 -29.79 16.02 2.61
C ARG A 161 -30.17 16.50 4.01
N PHE A 162 -29.16 16.91 4.78
CA PHE A 162 -29.42 17.55 6.07
C PHE A 162 -30.06 18.91 5.90
N ASN A 163 -29.85 19.56 4.75
CA ASN A 163 -30.46 20.86 4.45
C ASN A 163 -30.14 21.86 5.55
N SER A 164 -28.87 21.86 5.94
CA SER A 164 -28.42 22.72 7.04
C SER A 164 -28.55 24.20 6.72
N PHE A 165 -28.48 24.57 5.45
CA PHE A 165 -28.63 25.99 5.14
C PHE A 165 -30.09 26.43 5.10
N TYR A 166 -31.03 25.52 5.34
CA TYR A 166 -32.44 25.88 5.48
C TYR A 166 -32.82 26.02 6.95
N ARG A 167 -31.85 26.03 7.84
CA ARG A 167 -32.09 25.96 9.27
C ARG A 167 -31.31 27.07 9.95
N ASP A 168 -31.97 27.78 10.86
CA ASP A 168 -31.22 28.72 11.67
C ASP A 168 -30.61 28.09 12.90
N GLN A 169 -31.00 26.89 13.29
CA GLN A 169 -30.27 26.17 14.31
C GLN A 169 -29.73 24.87 13.70
N PRO A 170 -28.82 24.17 14.36
CA PRO A 170 -28.28 22.95 13.75
C PRO A 170 -29.29 21.81 13.65
N HIS A 171 -29.07 20.95 12.66
CA HIS A 171 -29.91 19.77 12.45
C HIS A 171 -30.05 18.98 13.77
N PRO A 172 -31.26 18.48 14.07
CA PRO A 172 -31.43 17.74 15.34
C PRO A 172 -30.46 16.58 15.54
N PHE A 173 -30.03 15.92 14.47
CA PHE A 173 -29.11 14.80 14.62
C PHE A 173 -27.82 15.24 15.31
N ILE A 174 -27.29 16.39 14.94
CA ILE A 174 -26.00 16.77 15.51
C ILE A 174 -26.21 17.37 16.89
N THR A 175 -27.34 18.07 17.10
CA THR A 175 -27.66 18.50 18.45
C THR A 175 -27.82 17.31 19.38
N SER A 176 -28.46 16.25 18.91
CA SER A 176 -28.67 15.05 19.73
C SER A 176 -27.37 14.33 19.99
N MET A 177 -26.48 14.26 18.99
CA MET A 177 -25.18 13.62 19.20
C MET A 177 -24.38 14.37 20.27
N VAL A 178 -24.25 15.69 20.11
CA VAL A 178 -23.46 16.49 21.04
C VAL A 178 -24.03 16.37 22.44
N ARG A 179 -25.36 16.40 22.56
CA ARG A 179 -26.00 16.36 23.86
C ARG A 179 -25.93 14.97 24.48
N ALA A 180 -25.99 13.91 23.67
CA ALA A 180 -25.82 12.57 24.22
C ALA A 180 -24.39 12.35 24.72
N LEU A 181 -23.40 12.89 24.01
CA LEU A 181 -22.01 12.74 24.45
C LEU A 181 -21.75 13.55 25.71
N ASP A 182 -22.25 14.79 25.76
CA ASP A 182 -22.11 15.60 26.97
C ASP A 182 -22.72 14.89 28.17
N GLU A 183 -23.94 14.38 27.99
CA GLU A 183 -24.61 13.68 29.08
C GLU A 183 -23.82 12.45 29.51
N ALA A 184 -23.31 11.69 28.55
CA ALA A 184 -22.51 10.51 28.89
C ALA A 184 -21.25 10.91 29.67
N MET A 185 -20.63 12.03 29.30
CA MET A 185 -19.46 12.51 30.04
C MET A 185 -19.85 12.98 31.44
N ASN A 186 -20.78 13.93 31.52
CA ASN A 186 -21.18 14.49 32.82
C ASN A 186 -21.58 13.41 33.79
N LYS A 187 -22.13 12.31 33.27
CA LYS A 187 -22.66 11.25 34.10
C LYS A 187 -21.57 10.53 34.87
N LEU A 188 -20.34 10.55 34.36
CA LEU A 188 -19.23 9.83 35.02
C LEU A 188 -18.91 10.41 36.39
N GLN A 189 -19.72 11.37 36.88
CA GLN A 189 -19.53 12.01 38.18
C GLN A 189 -20.86 12.43 38.83
N ARG A 190 -21.04 12.07 40.11
CA ARG A 190 -21.81 12.82 41.12
C ARG A 190 -23.29 12.47 41.31
N ALA A 191 -23.57 11.49 42.17
CA ALA A 191 -24.90 11.22 42.72
C ALA A 191 -25.95 11.04 41.62
N ASN A 192 -25.81 9.93 40.90
CA ASN A 192 -26.46 9.79 39.59
C ASN A 192 -27.95 9.42 39.67
N PRO A 193 -28.41 8.44 40.51
CA PRO A 193 -29.85 8.18 40.57
C PRO A 193 -30.74 9.15 41.37
N ASP A 194 -30.40 10.42 41.53
CA ASP A 194 -31.21 11.32 42.33
C ASP A 194 -32.35 11.94 41.49
N ASP A 195 -33.32 12.61 42.20
CA ASP A 195 -34.56 13.22 41.68
C ASP A 195 -34.46 13.57 40.19
N PRO A 196 -33.53 14.46 39.75
CA PRO A 196 -33.48 14.79 38.32
C PRO A 196 -32.45 13.96 37.56
N ALA A 197 -31.47 13.40 38.27
CA ALA A 197 -30.35 12.69 37.68
C ALA A 197 -29.54 13.62 36.78
N TYR A 198 -29.83 13.61 35.49
CA TYR A 198 -29.04 14.37 34.51
C TYR A 198 -29.87 14.91 33.35
N ASP A 199 -30.65 14.03 32.72
CA ASP A 199 -31.44 14.28 31.52
C ASP A 199 -32.85 14.79 31.82
N GLU A 200 -33.07 15.48 32.93
CA GLU A 200 -34.41 15.57 33.48
C GLU A 200 -34.98 14.16 33.68
N ASN A 201 -34.39 13.47 34.64
CA ASN A 201 -34.59 12.02 34.84
C ASN A 201 -34.47 11.26 33.53
N LYS A 202 -33.27 11.36 32.95
CA LYS A 202 -32.66 10.43 31.98
C LYS A 202 -33.52 10.20 30.72
N ARG A 203 -34.48 11.10 30.48
CA ARG A 203 -35.35 10.97 29.31
C ARG A 203 -34.73 11.59 28.06
N GLN A 204 -33.97 12.68 28.20
CA GLN A 204 -33.42 13.36 27.04
C GLN A 204 -32.39 12.48 26.30
N PHE A 205 -31.59 11.70 27.03
CA PHE A 205 -30.59 10.83 26.41
C PHE A 205 -31.27 9.78 25.55
N GLN A 206 -32.31 9.12 26.09
CA GLN A 206 -33.05 8.15 25.30
C GLN A 206 -33.64 8.80 24.05
N GLU A 207 -34.17 10.02 24.19
CA GLU A 207 -34.65 10.74 23.01
C GLU A 207 -33.53 11.01 22.02
N ASP A 208 -32.38 11.46 22.52
CA ASP A 208 -31.25 11.73 21.62
C ASP A 208 -30.72 10.47 20.96
N ILE A 209 -30.62 9.37 21.72
CA ILE A 209 -30.24 8.09 21.12
C ILE A 209 -31.24 7.70 20.04
N LYS A 210 -32.54 7.93 20.28
CA LYS A 210 -33.53 7.55 19.29
C LYS A 210 -33.46 8.44 18.04
N VAL A 211 -33.15 9.73 18.22
CA VAL A 211 -32.93 10.59 17.06
C VAL A 211 -31.86 10.00 16.15
N MET A 212 -30.75 9.58 16.75
CA MET A 212 -29.65 9.07 15.94
C MET A 212 -30.02 7.74 15.30
N ASN A 213 -30.69 6.87 16.05
CA ASN A 213 -31.08 5.59 15.48
C ASN A 213 -32.13 5.74 14.39
N ASP A 214 -33.06 6.69 14.55
CA ASP A 214 -34.05 6.92 13.51
C ASP A 214 -33.40 7.41 12.22
N LEU A 215 -32.37 8.25 12.32
CA LEU A 215 -31.72 8.75 11.12
C LEU A 215 -30.97 7.63 10.41
N VAL A 216 -30.26 6.80 11.17
CA VAL A 216 -29.55 5.67 10.56
C VAL A 216 -30.56 4.74 9.90
N ASP A 217 -31.68 4.47 10.59
CA ASP A 217 -32.74 3.66 10.00
C ASP A 217 -33.17 4.23 8.65
N LYS A 218 -33.36 5.54 8.61
CA LYS A 218 -33.94 6.17 7.43
C LYS A 218 -32.93 6.22 6.29
N ILE A 219 -31.66 6.48 6.60
CA ILE A 219 -30.65 6.46 5.55
C ILE A 219 -30.61 5.10 4.87
N ILE A 220 -30.71 4.01 5.67
CA ILE A 220 -30.64 2.67 5.12
C ILE A 220 -31.91 2.34 4.34
N ALA A 221 -33.07 2.62 4.94
CA ALA A 221 -34.34 2.25 4.33
C ALA A 221 -34.57 3.01 3.02
N ASP A 222 -34.26 4.30 3.00
CA ASP A 222 -34.43 5.08 1.78
C ASP A 222 -33.52 4.58 0.67
N ARG A 223 -32.31 4.11 1.00
CA ARG A 223 -31.47 3.53 -0.02
C ARG A 223 -32.08 2.24 -0.57
N LYS A 224 -32.53 1.35 0.32
CA LYS A 224 -33.04 0.07 -0.17
C LYS A 224 -34.32 0.25 -0.98
N ALA A 225 -35.12 1.26 -0.65
CA ALA A 225 -36.35 1.56 -1.38
C ALA A 225 -36.12 2.34 -2.65
N SER A 226 -34.89 2.79 -2.90
CA SER A 226 -34.62 3.68 -4.02
C SER A 226 -34.64 2.92 -5.34
N GLY A 227 -35.29 3.52 -6.34
CA GLY A 227 -35.29 3.01 -7.70
C GLY A 227 -34.33 3.77 -8.59
N GLU A 228 -33.28 4.31 -7.97
CA GLU A 228 -32.20 4.97 -8.68
C GLU A 228 -30.89 4.25 -8.33
N GLN A 229 -29.93 4.27 -9.26
CA GLN A 229 -28.65 3.66 -8.98
C GLN A 229 -27.77 4.65 -8.25
N SER A 230 -27.27 4.24 -7.08
CA SER A 230 -26.24 4.99 -6.40
C SER A 230 -24.96 4.18 -6.40
N ASP A 231 -23.85 4.88 -6.35
CA ASP A 231 -22.55 4.26 -6.16
C ASP A 231 -21.79 5.22 -5.26
N ASP A 232 -22.10 5.17 -3.96
CA ASP A 232 -21.43 6.06 -3.01
C ASP A 232 -20.97 5.25 -1.80
N LEU A 233 -20.56 5.95 -0.73
CA LEU A 233 -20.01 5.25 0.44
C LEU A 233 -21.03 4.26 0.99
N LEU A 234 -22.30 4.65 1.06
CA LEU A 234 -23.34 3.77 1.58
C LEU A 234 -23.50 2.53 0.72
N THR A 235 -23.37 2.67 -0.60
CA THR A 235 -23.43 1.50 -1.48
C THR A 235 -22.41 0.44 -1.06
N HIS A 236 -21.16 0.87 -0.82
CA HIS A 236 -20.13 -0.07 -0.41
C HIS A 236 -20.40 -0.63 0.97
N MET A 237 -20.87 0.21 1.91
CA MET A 237 -21.22 -0.30 3.24
C MET A 237 -22.25 -1.42 3.15
N LEU A 238 -23.29 -1.20 2.35
CA LEU A 238 -24.39 -2.16 2.31
C LEU A 238 -24.07 -3.38 1.49
N ASN A 239 -23.31 -3.24 0.41
CA ASN A 239 -23.19 -4.28 -0.59
C ASN A 239 -21.76 -4.74 -0.86
N GLY A 240 -20.76 -3.97 -0.46
CA GLY A 240 -19.38 -4.34 -0.78
C GLY A 240 -18.97 -5.61 -0.05
N LYS A 241 -18.30 -6.51 -0.77
CA LYS A 241 -17.83 -7.74 -0.15
C LYS A 241 -16.34 -7.66 0.13
N ASP A 242 -15.94 -8.20 1.27
CA ASP A 242 -14.55 -8.22 1.68
C ASP A 242 -13.71 -8.97 0.65
N PRO A 243 -12.67 -8.37 0.08
CA PRO A 243 -11.79 -9.15 -0.82
C PRO A 243 -11.17 -10.37 -0.14
N GLU A 244 -11.01 -10.34 1.19
CA GLU A 244 -10.48 -11.50 1.90
C GLU A 244 -11.56 -12.57 2.10
N THR A 245 -12.56 -12.29 2.97
CA THR A 245 -13.54 -13.33 3.33
C THR A 245 -14.70 -13.46 2.36
N GLY A 246 -14.89 -12.50 1.46
CA GLY A 246 -16.01 -12.55 0.56
C GLY A 246 -17.35 -12.22 1.17
N GLU A 247 -17.38 -11.68 2.38
CA GLU A 247 -18.66 -11.36 3.01
C GLU A 247 -18.82 -9.84 3.15
N PRO A 248 -20.05 -9.33 3.13
CA PRO A 248 -20.30 -7.93 3.46
C PRO A 248 -20.16 -7.71 4.97
N LEU A 249 -20.10 -6.43 5.35
CA LEU A 249 -20.18 -6.09 6.76
C LEU A 249 -21.50 -6.56 7.36
N ASP A 250 -21.48 -6.92 8.64
CA ASP A 250 -22.71 -7.30 9.32
C ASP A 250 -23.55 -6.05 9.61
N ASP A 251 -24.86 -6.28 9.81
CA ASP A 251 -25.81 -5.17 9.97
C ASP A 251 -25.41 -4.25 11.12
N GLU A 252 -24.98 -4.81 12.24
CA GLU A 252 -24.64 -3.98 13.40
C GLU A 252 -23.45 -3.08 13.08
N ASN A 253 -22.42 -3.64 12.44
CA ASN A 253 -21.25 -2.84 12.12
C ASN A 253 -21.58 -1.77 11.11
N ILE A 254 -22.50 -2.05 10.19
CA ILE A 254 -22.92 -1.04 9.23
C ILE A 254 -23.47 0.18 9.95
N ARG A 255 -24.35 -0.03 10.94
CA ARG A 255 -24.90 1.08 11.72
C ARG A 255 -23.77 1.89 12.36
N TYR A 256 -22.77 1.21 12.91
CA TYR A 256 -21.66 1.92 13.54
C TYR A 256 -20.85 2.72 12.51
N GLN A 257 -20.66 2.17 11.30
CA GLN A 257 -19.91 2.91 10.29
C GLN A 257 -20.67 4.15 9.84
N ILE A 258 -21.99 4.06 9.71
CA ILE A 258 -22.75 5.23 9.27
C ILE A 258 -22.59 6.37 10.27
N ILE A 259 -22.76 6.09 11.56
N ILE A 259 -22.79 6.09 11.56
CA ILE A 259 -22.65 7.21 12.51
CA ILE A 259 -22.65 7.12 12.57
C ILE A 259 -21.20 7.65 12.64
C ILE A 259 -21.21 7.64 12.61
N THR A 260 -20.24 6.72 12.55
CA THR A 260 -18.83 7.10 12.52
C THR A 260 -18.54 8.09 11.40
N PHE A 261 -18.95 7.76 10.17
CA PHE A 261 -18.61 8.62 9.05
C PHE A 261 -19.41 9.93 9.05
N LEU A 262 -20.65 9.92 9.53
CA LEU A 262 -21.39 11.19 9.60
C LEU A 262 -20.68 12.20 10.52
N ILE A 263 -20.09 11.71 11.61
CA ILE A 263 -19.43 12.59 12.57
C ILE A 263 -17.98 12.85 12.13
N ALA A 264 -17.18 11.79 11.96
CA ALA A 264 -15.80 11.98 11.53
C ALA A 264 -15.74 12.72 10.20
N GLY A 265 -16.73 12.50 9.34
CA GLY A 265 -16.63 13.10 8.02
C GLY A 265 -16.93 14.58 7.94
N HIS A 266 -17.28 15.25 9.04
CA HIS A 266 -17.51 16.69 8.95
C HIS A 266 -16.82 17.54 10.02
N GLU A 267 -16.58 16.99 11.21
CA GLU A 267 -16.22 17.85 12.35
C GLU A 267 -14.83 18.48 12.16
N THR A 268 -13.82 17.67 11.91
CA THR A 268 -12.47 18.21 11.77
C THR A 268 -12.34 19.06 10.52
N THR A 269 -13.13 18.76 9.47
CA THR A 269 -13.03 19.56 8.26
C THR A 269 -13.62 20.95 8.48
N SER A 270 -14.70 21.05 9.27
CA SER A 270 -15.24 22.36 9.62
C SER A 270 -14.21 23.16 10.39
N GLY A 271 -13.52 22.51 11.33
CA GLY A 271 -12.48 23.20 12.09
C GLY A 271 -11.37 23.69 11.19
N LEU A 272 -10.98 22.87 10.22
CA LEU A 272 -9.90 23.27 9.32
C LEU A 272 -10.27 24.51 8.52
N LEU A 273 -11.47 24.50 7.92
CA LEU A 273 -11.90 25.66 7.14
C LEU A 273 -11.94 26.91 8.01
N SER A 274 -12.33 26.75 9.26
CA SER A 274 -12.47 27.89 10.15
C SER A 274 -11.12 28.46 10.52
N PHE A 275 -10.17 27.59 10.87
CA PHE A 275 -8.82 28.06 11.14
C PHE A 275 -8.17 28.66 9.90
N ALA A 276 -8.40 28.06 8.71
CA ALA A 276 -7.77 28.61 7.52
C ALA A 276 -8.26 30.02 7.24
N LEU A 277 -9.57 30.26 7.36
CA LEU A 277 -10.08 31.62 7.16
C LEU A 277 -9.55 32.55 8.23
N TYR A 278 -9.43 32.06 9.47
CA TYR A 278 -8.85 32.89 10.53
C TYR A 278 -7.45 33.35 10.15
N PHE A 279 -6.59 32.40 9.77
CA PHE A 279 -5.23 32.79 9.46
C PHE A 279 -5.18 33.71 8.26
N LEU A 280 -6.07 33.52 7.29
CA LEU A 280 -6.05 34.39 6.12
C LEU A 280 -6.36 35.83 6.51
N VAL A 281 -7.43 36.06 7.27
CA VAL A 281 -7.78 37.43 7.60
C VAL A 281 -6.74 38.06 8.53
N LYS A 282 -6.00 37.26 9.30
CA LYS A 282 -4.88 37.77 10.12
C LYS A 282 -3.59 37.96 9.33
N ASN A 283 -3.52 37.47 8.09
CA ASN A 283 -2.31 37.58 7.27
C ASN A 283 -2.71 38.04 5.88
N PRO A 284 -3.07 39.31 5.73
CA PRO A 284 -3.74 39.73 4.47
C PRO A 284 -2.87 39.59 3.23
N HIS A 285 -1.54 39.60 3.36
CA HIS A 285 -0.68 39.31 2.23
C HIS A 285 -0.88 37.88 1.71
N VAL A 286 -1.08 36.94 2.62
CA VAL A 286 -1.31 35.55 2.24
C VAL A 286 -2.68 35.38 1.62
N LEU A 287 -3.68 36.04 2.20
CA LEU A 287 -5.02 36.06 1.61
C LEU A 287 -4.96 36.56 0.17
N GLN A 288 -4.28 37.69 -0.05
CA GLN A 288 -4.20 38.24 -1.40
C GLN A 288 -3.59 37.24 -2.39
N LYS A 289 -2.53 36.54 -1.99
CA LYS A 289 -1.90 35.57 -2.86
C LYS A 289 -2.84 34.40 -3.15
N ALA A 290 -3.58 33.96 -2.14
CA ALA A 290 -4.53 32.87 -2.34
C ALA A 290 -5.70 33.31 -3.19
N ALA A 291 -6.17 34.56 -2.99
CA ALA A 291 -7.28 35.09 -3.77
C ALA A 291 -6.90 35.25 -5.23
N GLU A 292 -5.67 35.70 -5.52
CA GLU A 292 -5.20 35.77 -6.91
C GLU A 292 -5.18 34.39 -7.57
N GLU A 293 -4.74 33.35 -6.84
CA GLU A 293 -4.76 32.01 -7.42
C GLU A 293 -6.19 31.58 -7.71
N ALA A 294 -7.10 31.81 -6.77
CA ALA A 294 -8.48 31.39 -7.00
C ALA A 294 -9.07 32.09 -8.22
N ALA A 295 -8.84 33.40 -8.37
CA ALA A 295 -9.34 34.12 -9.53
C ALA A 295 -8.75 33.56 -10.83
N ARG A 296 -7.44 33.29 -10.84
CA ARG A 296 -6.80 32.83 -12.06
CA ARG A 296 -6.81 32.83 -12.06
C ARG A 296 -7.26 31.43 -12.45
N VAL A 297 -7.46 30.55 -11.47
CA VAL A 297 -7.74 29.15 -11.76
C VAL A 297 -9.21 28.88 -11.98
N LEU A 298 -10.09 29.48 -11.17
CA LEU A 298 -11.50 29.11 -11.17
C LEU A 298 -12.25 29.99 -12.17
N VAL A 299 -12.04 29.70 -13.45
CA VAL A 299 -12.52 30.59 -14.50
C VAL A 299 -13.94 30.29 -14.91
N ASP A 300 -14.54 29.24 -14.38
CA ASP A 300 -15.89 28.86 -14.75
C ASP A 300 -16.88 29.19 -13.65
N PRO A 301 -18.18 29.20 -13.96
CA PRO A 301 -19.18 29.51 -12.92
C PRO A 301 -19.14 28.54 -11.75
N VAL A 302 -18.85 27.27 -11.99
CA VAL A 302 -18.59 26.38 -10.88
C VAL A 302 -17.25 25.67 -11.13
N PRO A 303 -16.57 25.26 -10.09
CA PRO A 303 -15.27 24.61 -10.29
C PRO A 303 -15.43 23.19 -10.78
N SER A 304 -14.50 22.78 -11.63
CA SER A 304 -14.34 21.39 -12.01
C SER A 304 -13.37 20.70 -11.04
N TYR A 305 -13.40 19.36 -11.07
CA TYR A 305 -12.42 18.59 -10.31
C TYR A 305 -10.99 18.97 -10.69
N LYS A 306 -10.73 19.12 -11.99
CA LYS A 306 -9.39 19.45 -12.47
C LYS A 306 -8.92 20.80 -11.96
N GLN A 307 -9.82 21.79 -11.93
CA GLN A 307 -9.45 23.11 -11.44
C GLN A 307 -9.12 23.08 -9.95
N VAL A 308 -9.89 22.31 -9.16
CA VAL A 308 -9.55 22.20 -7.73
C VAL A 308 -8.14 21.63 -7.55
N LYS A 309 -7.76 20.67 -8.40
CA LYS A 309 -6.41 20.11 -8.32
C LYS A 309 -5.32 21.13 -8.63
N GLN A 310 -5.67 22.22 -9.33
N GLN A 310 -5.63 22.23 -9.32
CA GLN A 310 -4.75 23.29 -9.70
CA GLN A 310 -4.62 23.23 -9.61
C GLN A 310 -4.58 24.35 -8.61
C GLN A 310 -4.58 24.37 -8.60
N LEU A 311 -5.39 24.29 -7.55
CA LEU A 311 -5.36 25.31 -6.48
C LEU A 311 -4.20 24.99 -5.52
N LYS A 312 -2.98 25.08 -6.06
CA LYS A 312 -1.80 24.64 -5.31
C LYS A 312 -1.61 25.47 -4.05
N TYR A 313 -1.72 26.80 -4.16
CA TYR A 313 -1.45 27.63 -3.00
C TYR A 313 -2.56 27.50 -1.97
N VAL A 314 -3.82 27.37 -2.41
CA VAL A 314 -4.89 27.12 -1.45
C VAL A 314 -4.59 25.85 -0.65
N GLY A 315 -4.12 24.80 -1.32
CA GLY A 315 -3.73 23.59 -0.62
C GLY A 315 -2.63 23.83 0.41
N MET A 316 -1.65 24.67 0.07
CA MET A 316 -0.58 24.99 1.02
C MET A 316 -1.12 25.78 2.21
N VAL A 317 -2.07 26.67 1.97
CA VAL A 317 -2.75 27.38 3.06
C VAL A 317 -3.40 26.39 4.02
N LEU A 318 -4.08 25.38 3.47
CA LEU A 318 -4.77 24.41 4.32
C LEU A 318 -3.79 23.56 5.12
N ASN A 319 -2.68 23.16 4.50
CA ASN A 319 -1.68 22.38 5.24
C ASN A 319 -1.05 23.21 6.35
N GLU A 320 -0.84 24.51 6.12
CA GLU A 320 -0.24 25.36 7.15
C GLU A 320 -1.23 25.63 8.28
N ALA A 321 -2.52 25.65 7.99
CA ALA A 321 -3.49 25.72 9.07
C ALA A 321 -3.51 24.41 9.85
N LEU A 322 -3.40 23.28 9.15
CA LEU A 322 -3.28 22.00 9.84
C LEU A 322 -1.98 21.89 10.62
N ARG A 323 -0.92 22.54 10.15
CA ARG A 323 0.31 22.52 10.92
C ARG A 323 0.11 23.20 12.28
N LEU A 324 -0.45 24.40 12.29
CA LEU A 324 -0.56 25.15 13.53
C LEU A 324 -1.65 24.59 14.43
N TRP A 325 -2.81 24.21 13.88
CA TRP A 325 -3.92 23.72 14.70
C TRP A 325 -4.54 22.50 14.06
N PRO A 326 -3.84 21.35 14.07
CA PRO A 326 -4.44 20.11 13.59
C PRO A 326 -5.70 19.83 14.38
N THR A 327 -6.82 19.65 13.68
CA THR A 327 -8.08 19.72 14.40
C THR A 327 -8.44 18.43 15.11
N ALA A 328 -7.74 17.33 14.87
CA ALA A 328 -7.77 16.13 15.72
C ALA A 328 -6.40 16.05 16.35
N PRO A 329 -6.16 16.72 17.48
CA PRO A 329 -4.79 17.12 17.83
C PRO A 329 -3.94 16.03 18.47
N ALA A 330 -4.46 14.84 18.69
CA ALA A 330 -3.62 13.80 19.27
C ALA A 330 -4.04 12.44 18.74
N PHE A 331 -3.08 11.51 18.71
CA PHE A 331 -3.45 10.11 18.53
C PHE A 331 -2.54 9.27 19.42
N SER A 332 -3.01 8.07 19.73
CA SER A 332 -2.47 7.25 20.79
C SER A 332 -1.92 5.94 20.22
N LEU A 333 -0.80 5.49 20.78
CA LEU A 333 -0.09 4.28 20.34
C LEU A 333 0.26 3.44 21.55
N TYR A 334 0.46 2.13 21.36
CA TYR A 334 0.96 1.30 22.44
C TYR A 334 2.15 0.47 21.95
N ALA A 335 3.04 0.16 22.90
CA ALA A 335 4.24 -0.61 22.60
C ALA A 335 3.85 -2.07 22.43
N LYS A 336 4.14 -2.64 21.25
CA LYS A 336 3.79 -4.04 21.01
C LYS A 336 4.60 -4.99 21.87
N GLU A 337 5.86 -4.62 22.14
CA GLU A 337 6.79 -5.36 22.98
C GLU A 337 7.62 -4.36 23.79
N ASP A 338 8.26 -4.86 24.83
CA ASP A 338 9.28 -4.07 25.53
C ASP A 338 10.24 -3.47 24.51
N THR A 339 10.57 -2.20 24.67
CA THR A 339 11.47 -1.56 23.72
C THR A 339 11.99 -0.27 24.34
N VAL A 340 13.02 0.28 23.70
CA VAL A 340 13.65 1.52 24.16
C VAL A 340 13.36 2.59 23.12
N LEU A 341 12.69 3.65 23.57
CA LEU A 341 12.34 4.78 22.71
C LEU A 341 13.48 5.80 22.67
N GLY A 342 13.98 6.07 21.48
CA GLY A 342 14.96 7.13 21.34
C GLY A 342 16.32 6.82 21.91
N GLY A 343 16.60 5.56 22.24
CA GLY A 343 17.84 5.14 22.86
C GLY A 343 17.94 5.42 24.35
N GLU A 344 16.89 5.98 24.95
CA GLU A 344 16.96 6.65 26.24
C GLU A 344 15.75 6.39 27.15
N TYR A 345 14.58 6.02 26.62
CA TYR A 345 13.38 5.86 27.43
C TYR A 345 12.83 4.44 27.31
N PRO A 346 13.10 3.58 28.29
CA PRO A 346 12.59 2.20 28.23
C PRO A 346 11.08 2.15 28.37
N LEU A 347 10.46 1.36 27.51
CA LEU A 347 9.02 1.13 27.53
C LEU A 347 8.75 -0.34 27.76
N GLU A 348 7.66 -0.61 28.46
CA GLU A 348 7.14 -1.96 28.62
C GLU A 348 6.03 -2.23 27.61
N LYS A 349 5.95 -3.48 27.18
CA LYS A 349 4.82 -3.97 26.39
C LYS A 349 3.50 -3.43 26.93
N GLY A 350 2.72 -2.80 26.03
CA GLY A 350 1.45 -2.20 26.38
C GLY A 350 1.50 -0.73 26.77
N ASP A 351 2.70 -0.15 26.95
CA ASP A 351 2.79 1.23 27.38
C ASP A 351 2.21 2.17 26.32
N GLU A 352 1.40 3.12 26.77
CA GLU A 352 0.76 4.11 25.90
C GLU A 352 1.65 5.32 25.64
N LEU A 353 1.77 5.68 24.36
CA LEU A 353 2.37 6.92 23.89
C LEU A 353 1.28 7.79 23.28
N MET A 354 1.25 9.08 23.60
CA MET A 354 0.29 10.00 22.97
C MET A 354 1.05 11.03 22.15
N VAL A 355 0.72 11.11 20.87
CA VAL A 355 1.39 12.05 19.97
C VAL A 355 0.65 13.38 20.08
N LEU A 356 1.36 14.41 20.55
CA LEU A 356 0.77 15.74 20.73
C LEU A 356 1.05 16.50 19.44
N ILE A 357 0.11 16.40 18.50
CA ILE A 357 0.39 16.87 17.13
C ILE A 357 0.73 18.34 17.06
N PRO A 358 0.02 19.26 17.74
CA PRO A 358 0.39 20.68 17.62
C PRO A 358 1.82 20.94 18.05
N GLN A 359 2.32 20.16 18.99
CA GLN A 359 3.67 20.38 19.48
C GLN A 359 4.71 19.77 18.53
N LEU A 360 4.43 18.58 17.99
CA LEU A 360 5.22 18.04 16.89
C LEU A 360 5.39 19.09 15.79
N HIS A 361 4.31 19.80 15.47
CA HIS A 361 4.30 20.75 14.38
C HIS A 361 4.97 22.07 14.73
N ARG A 362 5.41 22.24 15.98
CA ARG A 362 6.19 23.40 16.40
C ARG A 362 7.64 23.03 16.73
N ASP A 363 8.08 21.86 16.26
CA ASP A 363 9.44 21.40 16.52
C ASP A 363 10.43 22.26 15.74
N LYS A 364 11.15 23.13 16.45
CA LYS A 364 12.03 24.08 15.78
C LYS A 364 13.18 23.42 15.03
N THR A 365 13.58 22.20 15.42
CA THR A 365 14.64 21.54 14.68
C THR A 365 14.19 21.12 13.29
N ILE A 366 12.88 21.07 13.06
CA ILE A 366 12.31 20.70 11.76
C ILE A 366 11.94 21.93 10.95
N TRP A 367 11.21 22.86 11.55
CA TRP A 367 10.56 23.94 10.84
C TRP A 367 11.33 25.27 10.90
N GLY A 368 12.37 25.36 11.72
CA GLY A 368 13.02 26.64 11.96
C GLY A 368 12.43 27.34 13.17
N ASP A 369 12.98 28.51 13.50
CA ASP A 369 12.58 29.21 14.72
C ASP A 369 11.25 29.95 14.58
N ASP A 370 10.77 30.19 13.37
CA ASP A 370 9.55 30.96 13.12
C ASP A 370 8.28 30.10 13.17
N VAL A 371 8.23 29.08 14.04
CA VAL A 371 7.15 28.11 14.00
C VAL A 371 5.78 28.72 14.25
N GLU A 372 5.69 29.88 14.87
CA GLU A 372 4.37 30.42 15.15
C GLU A 372 3.83 31.27 14.01
N GLU A 373 4.64 31.57 13.00
CA GLU A 373 4.21 32.34 11.85
C GLU A 373 3.40 31.47 10.90
N PHE A 374 2.39 32.08 10.30
CA PHE A 374 1.59 31.43 9.25
C PHE A 374 2.24 31.69 7.90
N ARG A 375 2.92 30.67 7.38
CA ARG A 375 3.72 30.79 6.15
C ARG A 375 3.43 29.58 5.28
N PRO A 376 2.42 29.68 4.39
CA PRO A 376 2.10 28.52 3.56
C PRO A 376 3.25 28.07 2.67
N GLU A 377 4.20 28.96 2.37
CA GLU A 377 5.31 28.59 1.52
C GLU A 377 6.19 27.49 2.12
N ARG A 378 6.05 27.20 3.42
CA ARG A 378 6.73 26.04 4.01
C ARG A 378 6.45 24.76 3.23
N PHE A 379 5.29 24.70 2.58
CA PHE A 379 4.82 23.50 1.90
C PHE A 379 5.00 23.58 0.40
N GLU A 380 5.78 24.55 -0.08
CA GLU A 380 6.01 24.69 -1.52
C GLU A 380 6.56 23.40 -2.12
N ASN A 381 7.44 22.72 -1.40
CA ASN A 381 8.13 21.53 -1.88
C ASN A 381 7.87 20.40 -0.90
N PRO A 382 6.87 19.55 -1.17
CA PRO A 382 6.48 18.53 -0.18
C PRO A 382 7.59 17.54 0.13
N SER A 383 8.46 17.25 -0.82
CA SER A 383 9.55 16.31 -0.59
C SER A 383 10.62 16.83 0.37
N ALA A 384 10.61 18.13 0.67
CA ALA A 384 11.57 18.69 1.61
C ALA A 384 11.15 18.50 3.07
N ILE A 385 9.92 18.09 3.34
CA ILE A 385 9.44 17.88 4.70
C ILE A 385 9.83 16.47 5.14
N PRO A 386 10.60 16.31 6.21
CA PRO A 386 11.03 14.97 6.62
C PRO A 386 9.85 14.07 6.96
N GLN A 387 10.08 12.76 6.84
CA GLN A 387 9.04 11.81 7.20
C GLN A 387 8.66 11.96 8.66
N HIS A 388 7.36 11.87 8.92
CA HIS A 388 6.74 11.95 10.24
C HIS A 388 6.90 13.31 10.92
N ALA A 389 7.27 14.38 10.18
CA ALA A 389 7.24 15.73 10.74
C ALA A 389 5.85 16.35 10.74
N PHE A 390 4.98 15.91 9.84
CA PHE A 390 3.67 16.54 9.62
C PHE A 390 2.63 15.42 9.62
N LYS A 391 1.83 15.34 10.69
CA LYS A 391 0.95 14.19 10.90
C LYS A 391 -0.46 14.58 11.32
N PRO A 392 -1.11 15.53 10.62
CA PRO A 392 -2.46 15.91 11.02
C PRO A 392 -3.48 14.82 10.76
N PHE A 393 -3.14 13.79 9.98
CA PHE A 393 -4.07 12.72 9.65
C PHE A 393 -3.64 11.40 10.27
N GLY A 394 -2.79 11.42 11.32
CA GLY A 394 -2.44 10.16 11.96
C GLY A 394 -1.35 9.41 11.20
N ASN A 395 -1.31 8.09 11.41
CA ASN A 395 -0.14 7.34 10.96
C ASN A 395 -0.46 5.98 10.36
N GLY A 396 0.26 5.65 9.29
CA GLY A 396 0.34 4.28 8.81
C GLY A 396 -1.01 3.73 8.38
N GLN A 397 -1.24 2.46 8.66
CA GLN A 397 -2.48 1.85 8.18
C GLN A 397 -3.70 2.34 8.94
N ARG A 398 -3.50 3.00 10.10
CA ARG A 398 -4.58 3.63 10.83
C ARG A 398 -4.65 5.14 10.60
N ALA A 399 -4.04 5.62 9.53
CA ALA A 399 -4.19 7.03 9.19
C ALA A 399 -5.62 7.30 8.72
N CYS A 400 -5.97 8.59 8.70
CA CYS A 400 -7.32 9.00 8.30
C CYS A 400 -7.70 8.46 6.92
N ILE A 401 -8.76 7.64 6.85
CA ILE A 401 -9.21 7.21 5.54
C ILE A 401 -9.84 8.34 4.74
N GLY A 402 -10.26 9.41 5.42
CA GLY A 402 -10.94 10.50 4.77
C GLY A 402 -10.08 11.66 4.36
N GLN A 403 -8.75 11.52 4.42
CA GLN A 403 -7.86 12.66 4.22
C GLN A 403 -8.09 13.35 2.89
N GLN A 404 -8.18 12.57 1.81
CA GLN A 404 -8.33 13.19 0.49
C GLN A 404 -9.72 13.82 0.32
N PHE A 405 -10.75 13.21 0.90
CA PHE A 405 -12.09 13.79 0.92
C PHE A 405 -12.08 15.15 1.60
N ALA A 406 -11.50 15.20 2.80
CA ALA A 406 -11.39 16.45 3.55
C ALA A 406 -10.67 17.53 2.76
N LEU A 407 -9.51 17.18 2.18
CA LEU A 407 -8.71 18.20 1.50
C LEU A 407 -9.35 18.60 0.18
N HIS A 408 -10.04 17.70 -0.52
CA HIS A 408 -10.69 18.12 -1.75
C HIS A 408 -11.83 19.07 -1.45
N GLU A 409 -12.65 18.71 -0.45
CA GLU A 409 -13.75 19.58 -0.04
C GLU A 409 -13.23 20.93 0.41
N ALA A 410 -12.22 20.93 1.28
CA ALA A 410 -11.73 22.19 1.84
C ALA A 410 -11.10 23.07 0.77
N THR A 411 -10.37 22.46 -0.18
CA THR A 411 -9.71 23.25 -1.23
C THR A 411 -10.75 23.86 -2.16
N LEU A 412 -11.75 23.06 -2.56
CA LEU A 412 -12.87 23.55 -3.35
C LEU A 412 -13.53 24.74 -2.70
N VAL A 413 -13.91 24.61 -1.42
CA VAL A 413 -14.73 25.60 -0.76
C VAL A 413 -13.92 26.86 -0.49
N LEU A 414 -12.70 26.70 0.02
CA LEU A 414 -11.85 27.87 0.28
C LEU A 414 -11.57 28.62 -1.01
N GLY A 415 -11.35 27.88 -2.09
CA GLY A 415 -11.14 28.52 -3.38
C GLY A 415 -12.33 29.33 -3.83
N MET A 416 -13.55 28.77 -3.69
CA MET A 416 -14.75 29.52 -4.07
C MET A 416 -14.97 30.72 -3.14
N MET A 417 -14.68 30.55 -1.85
CA MET A 417 -14.80 31.69 -0.94
C MET A 417 -13.92 32.83 -1.38
N LEU A 418 -12.66 32.52 -1.73
CA LEU A 418 -11.70 33.57 -2.09
C LEU A 418 -11.99 34.14 -3.46
N LYS A 419 -12.61 33.35 -4.35
CA LYS A 419 -13.05 33.89 -5.63
C LYS A 419 -14.18 34.89 -5.46
N HIS A 420 -15.13 34.63 -4.56
CA HIS A 420 -16.39 35.37 -4.61
C HIS A 420 -16.50 36.50 -3.61
N PHE A 421 -15.62 36.58 -2.60
CA PHE A 421 -15.75 37.60 -1.56
C PHE A 421 -14.40 38.16 -1.15
N ASP A 422 -14.43 39.42 -0.72
CA ASP A 422 -13.39 39.99 0.15
C ASP A 422 -13.81 39.80 1.60
N PHE A 423 -12.83 39.65 2.49
CA PHE A 423 -13.12 39.36 3.88
C PHE A 423 -12.56 40.42 4.82
N GLU A 424 -13.35 40.77 5.82
CA GLU A 424 -12.97 41.74 6.83
C GLU A 424 -13.07 41.13 8.21
N ASP A 425 -11.97 41.24 8.97
CA ASP A 425 -11.94 40.87 10.39
C ASP A 425 -12.48 42.06 11.19
N HIS A 426 -13.80 42.25 11.10
CA HIS A 426 -14.44 43.48 11.56
C HIS A 426 -14.40 43.65 13.08
N THR A 427 -14.24 42.56 13.84
CA THR A 427 -14.17 42.67 15.29
C THR A 427 -12.74 42.61 15.83
N ASN A 428 -11.74 42.45 14.97
CA ASN A 428 -10.36 42.16 15.38
C ASN A 428 -10.35 40.97 16.33
N TYR A 429 -10.80 39.86 15.79
CA TYR A 429 -11.15 38.70 16.58
C TYR A 429 -9.93 38.15 17.30
N GLU A 430 -10.11 37.86 18.59
CA GLU A 430 -9.06 37.24 19.42
C GLU A 430 -9.25 35.73 19.44
N LEU A 431 -8.25 35.01 18.94
CA LEU A 431 -8.36 33.56 18.81
C LEU A 431 -8.72 32.94 20.16
N ASP A 432 -9.81 32.17 20.17
CA ASP A 432 -10.29 31.42 21.33
C ASP A 432 -10.58 30.01 20.85
N ILE A 433 -9.80 29.04 21.28
CA ILE A 433 -9.86 27.70 20.72
C ILE A 433 -10.68 26.81 21.65
N LYS A 434 -11.88 26.45 21.20
CA LYS A 434 -12.77 25.57 21.95
C LYS A 434 -12.39 24.13 21.71
N GLU A 435 -12.33 23.35 22.77
CA GLU A 435 -11.89 21.96 22.67
C GLU A 435 -13.07 21.05 22.98
N THR A 436 -13.36 20.16 22.06
CA THR A 436 -14.22 19.04 22.35
C THR A 436 -13.33 17.80 22.23
N LEU A 437 -13.64 16.88 21.33
CA LEU A 437 -12.57 15.99 20.91
C LEU A 437 -11.77 16.58 19.76
N THR A 438 -12.22 17.69 19.21
CA THR A 438 -11.53 18.39 18.14
C THR A 438 -11.41 19.86 18.53
N LEU A 439 -10.77 20.66 17.67
CA LEU A 439 -10.49 22.07 17.94
C LEU A 439 -11.22 22.97 16.95
N LYS A 440 -11.69 24.12 17.42
CA LYS A 440 -12.25 25.08 16.49
C LYS A 440 -12.10 26.49 17.07
N PRO A 441 -12.07 27.52 16.22
CA PRO A 441 -11.99 28.89 16.74
C PRO A 441 -13.34 29.46 17.17
N GLU A 442 -13.66 29.37 18.45
CA GLU A 442 -15.02 29.71 18.88
C GLU A 442 -15.27 31.22 18.75
N GLY A 443 -16.46 31.56 18.26
CA GLY A 443 -16.86 32.95 18.12
C GLY A 443 -16.22 33.68 16.95
N PHE A 444 -15.49 32.98 16.08
CA PHE A 444 -14.85 33.63 14.94
C PHE A 444 -15.93 34.14 13.99
N VAL A 445 -15.89 35.44 13.71
CA VAL A 445 -16.86 36.10 12.82
C VAL A 445 -16.09 36.98 11.86
N VAL A 446 -16.64 37.15 10.65
CA VAL A 446 -16.10 38.03 9.61
C VAL A 446 -17.27 38.69 8.89
N LYS A 447 -16.95 39.69 8.09
CA LYS A 447 -17.86 40.26 7.10
C LYS A 447 -17.31 39.95 5.71
N ALA A 448 -18.21 39.58 4.80
CA ALA A 448 -17.82 39.20 3.45
C ALA A 448 -18.49 40.16 2.48
N LYS A 449 -17.67 40.88 1.71
CA LYS A 449 -18.15 41.80 0.71
C LYS A 449 -18.06 41.11 -0.65
N SER A 450 -19.21 40.94 -1.31
CA SER A 450 -19.20 40.22 -2.57
C SER A 450 -18.41 40.93 -3.65
N LYS A 451 -17.64 40.16 -4.40
CA LYS A 451 -17.03 40.65 -5.63
C LYS A 451 -18.00 40.64 -6.81
N LYS A 452 -19.24 40.18 -6.61
CA LYS A 452 -20.30 40.22 -7.63
C LYS A 452 -19.92 39.41 -8.86
N ILE A 453 -19.36 38.22 -8.64
CA ILE A 453 -18.99 37.32 -9.72
C ILE A 453 -20.07 36.24 -9.83
N PRO A 454 -20.74 36.13 -10.98
CA PRO A 454 -21.83 35.14 -11.13
C PRO A 454 -21.39 33.71 -10.83
N LEU A 455 -22.38 32.90 -10.44
CA LEU A 455 -22.26 31.44 -10.36
C LEU A 455 -22.98 30.74 -11.52
N GLY A 456 -22.81 25.75 -13.33
CA GLY A 456 -24.08 26.39 -13.62
C GLY A 456 -24.96 26.59 -12.40
N GLY A 457 -24.48 27.39 -11.45
CA GLY A 457 -25.22 27.64 -10.23
C GLY A 457 -26.21 28.78 -10.35
N THR B 1 -26.64 -7.95 -14.95
CA THR B 1 -25.19 -7.91 -14.79
C THR B 1 -24.39 -8.55 -15.93
N ILE B 2 -25.04 -9.30 -16.83
CA ILE B 2 -24.31 -9.90 -17.94
C ILE B 2 -23.86 -8.81 -18.90
N LYS B 3 -22.55 -8.69 -19.10
CA LYS B 3 -21.96 -7.57 -19.82
C LYS B 3 -21.16 -8.04 -21.03
N GLU B 4 -21.07 -7.16 -22.02
CA GLU B 4 -20.14 -7.36 -23.12
C GLU B 4 -18.72 -7.09 -22.63
N MET B 5 -17.79 -7.91 -23.08
CA MET B 5 -16.42 -7.76 -22.58
C MET B 5 -15.71 -6.63 -23.32
N PRO B 6 -15.07 -5.69 -22.62
CA PRO B 6 -14.27 -4.68 -23.32
C PRO B 6 -13.20 -5.33 -24.18
N GLN B 7 -12.79 -4.62 -25.23
CA GLN B 7 -11.81 -5.16 -26.16
C GLN B 7 -11.21 -3.99 -26.89
N PRO B 8 -9.91 -3.97 -27.14
CA PRO B 8 -9.32 -2.87 -27.93
C PRO B 8 -9.78 -2.97 -29.38
N LYS B 9 -9.51 -1.91 -30.14
CA LYS B 9 -9.96 -1.85 -31.52
C LYS B 9 -9.30 -2.96 -32.35
N THR B 10 -10.07 -3.53 -33.26
CA THR B 10 -9.61 -4.54 -34.19
C THR B 10 -9.37 -3.91 -35.56
N PHE B 11 -8.51 -4.56 -36.34
CA PHE B 11 -8.11 -4.04 -37.63
C PHE B 11 -8.27 -5.15 -38.64
N GLY B 12 -9.53 -5.39 -39.02
CA GLY B 12 -9.78 -6.40 -40.03
C GLY B 12 -9.33 -7.77 -39.55
N GLU B 13 -8.73 -8.53 -40.48
CA GLU B 13 -8.21 -9.85 -40.18
C GLU B 13 -7.01 -9.82 -39.25
N LEU B 14 -6.40 -8.66 -39.04
CA LEU B 14 -5.30 -8.56 -38.09
C LEU B 14 -5.78 -8.56 -36.64
N LYS B 15 -7.09 -8.40 -36.40
CA LYS B 15 -7.70 -8.35 -35.05
C LYS B 15 -6.94 -7.32 -34.22
N ASN B 16 -6.48 -7.67 -33.01
CA ASN B 16 -5.80 -6.69 -32.15
C ASN B 16 -4.29 -6.73 -32.31
N LEU B 17 -3.76 -7.57 -33.20
CA LEU B 17 -2.32 -7.78 -33.25
C LEU B 17 -1.51 -6.51 -33.55
N PRO B 18 -1.99 -5.56 -34.35
CA PRO B 18 -1.20 -4.33 -34.55
C PRO B 18 -1.01 -3.50 -33.30
N LEU B 19 -1.76 -3.75 -32.23
CA LEU B 19 -1.56 -3.04 -30.98
C LEU B 19 -0.45 -3.65 -30.12
N LEU B 20 0.08 -4.80 -30.52
CA LEU B 20 1.22 -5.38 -29.83
C LEU B 20 2.44 -5.56 -30.72
N ASN B 21 2.78 -4.53 -31.51
CA ASN B 21 3.98 -4.55 -32.35
C ASN B 21 5.14 -4.06 -31.50
N THR B 22 5.63 -4.93 -30.62
CA THR B 22 6.58 -4.49 -29.61
C THR B 22 7.30 -5.70 -29.05
N ASP B 23 8.55 -5.53 -28.62
CA ASP B 23 9.20 -6.56 -27.83
C ASP B 23 8.97 -6.38 -26.33
N LYS B 24 8.10 -5.45 -25.93
CA LYS B 24 7.66 -5.28 -24.54
C LYS B 24 6.14 -5.45 -24.44
N PRO B 25 5.63 -6.64 -24.76
CA PRO B 25 4.16 -6.83 -24.79
C PRO B 25 3.49 -6.74 -23.42
N VAL B 26 4.11 -7.26 -22.36
CA VAL B 26 3.48 -7.16 -21.03
C VAL B 26 3.28 -5.71 -20.63
N GLN B 27 4.28 -4.86 -20.86
CA GLN B 27 4.13 -3.46 -20.50
C GLN B 27 3.09 -2.79 -21.40
N ALA B 28 2.98 -3.23 -22.65
CA ALA B 28 1.98 -2.65 -23.54
C ALA B 28 0.57 -3.06 -23.11
N LEU B 29 0.43 -4.32 -22.67
CA LEU B 29 -0.87 -4.78 -22.18
C LEU B 29 -1.27 -4.09 -20.89
N MET B 30 -0.28 -3.72 -20.07
CA MET B 30 -0.58 -2.95 -18.87
C MET B 30 -1.22 -1.62 -19.23
N LYS B 31 -0.69 -0.95 -20.26
CA LYS B 31 -1.26 0.31 -20.74
C LYS B 31 -2.69 0.10 -21.27
N ILE B 32 -2.93 -1.03 -21.96
CA ILE B 32 -4.30 -1.30 -22.40
C ILE B 32 -5.20 -1.54 -21.20
N ALA B 33 -4.68 -2.22 -20.17
CA ALA B 33 -5.48 -2.43 -18.97
C ALA B 33 -5.78 -1.10 -18.27
N ASP B 34 -4.83 -0.16 -18.28
CA ASP B 34 -5.11 1.16 -17.71
C ASP B 34 -6.31 1.82 -18.39
N GLU B 35 -6.47 1.58 -19.70
CA GLU B 35 -7.53 2.18 -20.51
C GLU B 35 -8.85 1.42 -20.39
N LEU B 36 -8.80 0.09 -20.44
CA LEU B 36 -10.03 -0.69 -20.52
C LEU B 36 -10.48 -1.31 -19.20
N GLY B 37 -9.60 -1.38 -18.21
CA GLY B 37 -9.99 -1.89 -16.91
C GLY B 37 -9.67 -3.34 -16.57
N GLU B 38 -10.48 -3.92 -15.67
CA GLU B 38 -10.11 -5.15 -15.00
C GLU B 38 -10.13 -6.36 -15.94
N ILE B 39 -10.77 -6.25 -17.10
CA ILE B 39 -10.81 -7.40 -18.01
C ILE B 39 -10.98 -6.91 -19.44
N PHE B 40 -10.20 -7.49 -20.35
CA PHE B 40 -10.45 -7.22 -21.77
C PHE B 40 -10.08 -8.43 -22.60
N LYS B 41 -10.84 -8.61 -23.67
CA LYS B 41 -10.53 -9.64 -24.65
C LYS B 41 -9.48 -9.13 -25.61
N PHE B 42 -8.56 -10.01 -26.01
CA PHE B 42 -7.53 -9.68 -26.97
C PHE B 42 -7.50 -10.80 -28.00
N GLU B 43 -7.66 -10.43 -29.28
CA GLU B 43 -7.64 -11.40 -30.37
C GLU B 43 -6.48 -11.13 -31.31
N ALA B 44 -5.86 -12.21 -31.76
CA ALA B 44 -4.87 -12.23 -32.81
C ALA B 44 -5.33 -13.26 -33.84
N PRO B 45 -4.80 -13.23 -35.07
CA PRO B 45 -5.20 -14.26 -36.04
C PRO B 45 -5.14 -15.64 -35.42
N GLY B 46 -6.32 -16.25 -35.24
CA GLY B 46 -6.42 -17.60 -34.74
C GLY B 46 -6.40 -17.78 -33.23
N ARG B 47 -6.12 -16.75 -32.43
CA ARG B 47 -6.06 -16.93 -30.99
C ARG B 47 -6.90 -15.87 -30.28
N VAL B 48 -7.38 -16.24 -29.10
CA VAL B 48 -8.21 -15.39 -28.26
C VAL B 48 -7.79 -15.60 -26.83
N THR B 49 -7.58 -14.52 -26.10
CA THR B 49 -7.43 -14.67 -24.66
C THR B 49 -8.05 -13.46 -23.97
N ARG B 50 -8.28 -13.61 -22.67
CA ARG B 50 -8.93 -12.59 -21.86
C ARG B 50 -7.97 -12.21 -20.75
N TYR B 51 -7.54 -10.95 -20.71
CA TYR B 51 -6.57 -10.47 -19.74
C TYR B 51 -7.27 -9.94 -18.49
N LEU B 52 -6.91 -10.48 -17.32
CA LEU B 52 -7.48 -10.09 -16.03
C LEU B 52 -6.48 -9.26 -15.23
N SER B 53 -7.00 -8.22 -14.56
CA SER B 53 -6.16 -7.28 -13.84
C SER B 53 -6.65 -6.96 -12.43
N SER B 54 -7.82 -7.41 -12.02
CA SER B 54 -8.35 -7.03 -10.71
C SER B 54 -8.31 -8.19 -9.74
N GLN B 55 -8.13 -7.87 -8.45
CA GLN B 55 -8.21 -8.92 -7.44
C GLN B 55 -9.58 -9.58 -7.45
N ARG B 56 -10.64 -8.83 -7.74
CA ARG B 56 -11.98 -9.40 -7.70
C ARG B 56 -12.13 -10.53 -8.71
N LEU B 57 -11.66 -10.32 -9.93
CA LEU B 57 -11.81 -11.35 -10.95
C LEU B 57 -10.73 -12.43 -10.84
N ILE B 58 -9.53 -12.05 -10.40
CA ILE B 58 -8.46 -13.03 -10.31
C ILE B 58 -8.69 -13.99 -9.14
N LYS B 59 -9.24 -13.50 -8.03
CA LYS B 59 -9.64 -14.40 -6.96
C LYS B 59 -10.58 -15.49 -7.49
N GLU B 60 -11.52 -15.12 -8.35
CA GLU B 60 -12.45 -16.12 -8.87
C GLU B 60 -11.74 -17.05 -9.84
N ALA B 61 -10.87 -16.51 -10.67
CA ALA B 61 -10.11 -17.33 -11.60
C ALA B 61 -9.17 -18.32 -10.88
N CYS B 62 -8.79 -18.04 -9.64
CA CYS B 62 -7.90 -18.90 -8.87
C CYS B 62 -8.64 -20.02 -8.13
N ASP B 63 -9.94 -20.15 -8.34
CA ASP B 63 -10.72 -21.27 -7.83
C ASP B 63 -10.43 -22.49 -8.71
N GLU B 64 -9.64 -23.44 -8.19
CA GLU B 64 -9.16 -24.57 -8.95
C GLU B 64 -10.26 -25.59 -9.25
N SER B 65 -11.42 -25.49 -8.61
CA SER B 65 -12.54 -26.32 -9.01
C SER B 65 -13.13 -25.87 -10.33
N ARG B 66 -12.88 -24.62 -10.74
CA ARG B 66 -13.48 -24.07 -11.94
C ARG B 66 -12.50 -23.73 -13.05
N PHE B 67 -11.23 -23.45 -12.74
CA PHE B 67 -10.22 -23.07 -13.73
C PHE B 67 -8.93 -23.81 -13.42
N ASP B 68 -8.25 -24.29 -14.45
CA ASP B 68 -6.98 -24.99 -14.27
C ASP B 68 -5.88 -24.21 -14.97
N LYS B 69 -4.64 -24.54 -14.61
CA LYS B 69 -3.50 -23.96 -15.32
C LYS B 69 -3.59 -24.27 -16.80
N ASN B 70 -3.32 -23.26 -17.62
CA ASN B 70 -3.24 -23.38 -19.07
C ASN B 70 -1.80 -23.18 -19.52
N LEU B 71 -1.40 -23.88 -20.57
CA LEU B 71 -0.11 -23.59 -21.20
C LEU B 71 -0.34 -22.47 -22.21
N SER B 72 0.13 -21.27 -21.87
CA SER B 72 0.10 -20.14 -22.76
C SER B 72 0.88 -20.45 -24.04
N GLN B 73 0.73 -19.59 -25.05
CA GLN B 73 1.51 -19.76 -26.26
C GLN B 73 3.01 -19.88 -25.94
N ALA B 74 3.50 -19.08 -25.00
CA ALA B 74 4.93 -19.14 -24.64
C ALA B 74 5.30 -20.47 -24.00
N LEU B 75 4.49 -20.95 -23.06
CA LEU B 75 4.80 -22.23 -22.43
C LEU B 75 4.68 -23.38 -23.43
N LYS B 76 3.73 -23.31 -24.35
CA LYS B 76 3.66 -24.35 -25.38
C LYS B 76 4.92 -24.35 -26.23
N PHE B 77 5.49 -23.17 -26.46
CA PHE B 77 6.73 -23.09 -27.21
C PHE B 77 7.89 -23.71 -26.42
N VAL B 78 8.02 -23.35 -25.14
CA VAL B 78 9.16 -23.88 -24.41
C VAL B 78 8.95 -25.36 -24.05
N ARG B 79 7.72 -25.87 -24.11
CA ARG B 79 7.50 -27.30 -23.87
C ARG B 79 8.24 -28.15 -24.89
N ASP B 80 8.51 -27.63 -26.08
CA ASP B 80 9.31 -28.40 -27.02
C ASP B 80 10.70 -28.73 -26.45
N PHE B 81 11.21 -27.89 -25.54
CA PHE B 81 12.49 -28.09 -24.89
C PHE B 81 12.40 -28.69 -23.48
N PHE B 82 11.41 -28.28 -22.69
CA PHE B 82 11.28 -28.72 -21.31
C PHE B 82 10.26 -29.84 -21.15
N GLY B 83 9.60 -30.26 -22.22
CA GLY B 83 8.78 -31.46 -22.19
C GLY B 83 7.72 -31.43 -21.12
N ASP B 84 7.55 -32.54 -20.42
CA ASP B 84 6.56 -32.59 -19.35
C ASP B 84 7.22 -32.46 -17.98
N GLY B 85 8.28 -31.64 -17.92
CA GLY B 85 8.79 -31.18 -16.64
C GLY B 85 7.74 -30.40 -15.87
N LEU B 86 8.06 -29.97 -14.65
CA LEU B 86 6.97 -29.46 -13.80
C LEU B 86 6.32 -28.18 -14.34
N VAL B 87 7.05 -27.29 -15.00
CA VAL B 87 6.46 -26.02 -15.43
C VAL B 87 5.60 -26.19 -16.69
N THR B 88 5.99 -27.09 -17.59
CA THR B 88 5.36 -27.17 -18.90
C THR B 88 4.42 -28.35 -19.05
N SER B 89 4.07 -28.99 -17.95
CA SER B 89 3.09 -30.08 -17.96
C SER B 89 1.72 -29.56 -17.57
N TRP B 90 0.69 -30.17 -18.14
CA TRP B 90 -0.68 -29.94 -17.74
C TRP B 90 -0.97 -30.58 -16.39
N THR B 91 -1.87 -29.96 -15.62
CA THR B 91 -2.20 -30.49 -14.31
C THR B 91 -2.77 -31.90 -14.42
N HIS B 92 -3.45 -32.18 -15.53
CA HIS B 92 -4.04 -33.49 -15.72
C HIS B 92 -3.05 -34.53 -16.29
N GLU B 93 -1.80 -34.16 -16.58
CA GLU B 93 -0.81 -35.15 -17.01
C GLU B 93 -0.31 -35.94 -15.82
N LYS B 94 -0.24 -37.27 -15.97
CA LYS B 94 0.30 -38.11 -14.89
C LYS B 94 1.67 -37.64 -14.42
N ASN B 95 2.51 -37.17 -15.34
CA ASN B 95 3.86 -36.79 -14.92
C ASN B 95 3.90 -35.49 -14.11
N TRP B 96 2.86 -34.65 -14.20
CA TRP B 96 2.84 -33.48 -13.30
C TRP B 96 2.70 -33.93 -11.85
N LYS B 97 1.57 -34.59 -11.50
CA LYS B 97 1.35 -34.92 -10.09
C LYS B 97 2.47 -35.80 -9.55
N LYS B 98 2.96 -36.72 -10.38
CA LYS B 98 4.00 -37.64 -9.94
C LYS B 98 5.27 -36.89 -9.55
N ALA B 99 5.72 -35.97 -10.41
CA ALA B 99 6.93 -35.23 -10.09
C ALA B 99 6.69 -34.24 -8.96
N HIS B 100 5.50 -33.61 -8.92
CA HIS B 100 5.15 -32.77 -7.77
C HIS B 100 5.28 -33.53 -6.46
N ASN B 101 4.70 -34.73 -6.40
CA ASN B 101 4.81 -35.50 -5.16
C ASN B 101 6.26 -35.88 -4.85
N ILE B 102 7.05 -36.23 -5.88
CA ILE B 102 8.41 -36.68 -5.64
C ILE B 102 9.32 -35.53 -5.23
N LEU B 103 9.11 -34.34 -5.80
CA LEU B 103 10.07 -33.26 -5.61
C LEU B 103 9.67 -32.26 -4.53
N LEU B 104 8.41 -32.21 -4.12
CA LEU B 104 8.00 -31.28 -3.06
C LEU B 104 8.88 -31.37 -1.82
N PRO B 105 9.26 -32.55 -1.32
CA PRO B 105 10.13 -32.58 -0.13
C PRO B 105 11.48 -31.92 -0.35
N SER B 106 11.88 -31.67 -1.59
CA SER B 106 13.14 -30.94 -1.80
C SER B 106 13.01 -29.45 -1.52
N PHE B 107 11.82 -28.97 -1.18
CA PHE B 107 11.64 -27.55 -0.94
C PHE B 107 11.00 -27.26 0.41
N SER B 108 11.12 -28.20 1.34
CA SER B 108 10.65 -28.00 2.71
C SER B 108 11.61 -27.06 3.44
N GLN B 109 11.19 -26.57 4.60
CA GLN B 109 12.09 -25.70 5.35
C GLN B 109 13.31 -26.48 5.83
N GLN B 110 13.14 -27.76 6.16
CA GLN B 110 14.29 -28.60 6.48
C GLN B 110 15.24 -28.68 5.28
N ALA B 111 14.70 -28.77 4.06
CA ALA B 111 15.55 -28.76 2.88
C ALA B 111 16.28 -27.43 2.75
N MET B 112 15.59 -26.33 3.01
CA MET B 112 16.22 -25.01 2.93
C MET B 112 17.41 -24.90 3.88
N LYS B 113 17.26 -25.42 5.10
CA LYS B 113 18.38 -25.45 6.05
C LYS B 113 19.56 -26.22 5.45
N GLY B 114 19.26 -27.30 4.75
CA GLY B 114 20.31 -28.08 4.14
C GLY B 114 21.00 -27.36 3.00
N TYR B 115 20.28 -26.48 2.31
CA TYR B 115 20.85 -25.73 1.18
C TYR B 115 21.65 -24.52 1.62
N HIS B 116 21.48 -24.09 2.86
CA HIS B 116 21.93 -22.76 3.26
C HIS B 116 23.44 -22.60 3.11
N ALA B 117 24.22 -23.63 3.50
CA ALA B 117 25.67 -23.52 3.44
C ALA B 117 26.15 -23.33 2.01
N MET B 118 25.55 -24.02 1.05
CA MET B 118 26.00 -23.83 -0.32
C MET B 118 25.49 -22.52 -0.90
N MET B 119 24.32 -22.04 -0.45
CA MET B 119 23.93 -20.68 -0.83
C MET B 119 24.95 -19.66 -0.34
N VAL B 120 25.44 -19.82 0.90
CA VAL B 120 26.45 -18.91 1.45
C VAL B 120 27.74 -19.00 0.63
N ASP B 121 28.11 -20.20 0.18
CA ASP B 121 29.28 -20.38 -0.67
C ASP B 121 29.23 -19.43 -1.88
N ILE B 122 28.10 -19.41 -2.57
CA ILE B 122 28.01 -18.56 -3.78
C ILE B 122 27.89 -17.10 -3.39
N ALA B 123 27.16 -16.78 -2.30
CA ALA B 123 26.98 -15.39 -1.90
C ALA B 123 28.31 -14.76 -1.55
N VAL B 124 29.19 -15.51 -0.88
CA VAL B 124 30.53 -15.04 -0.56
C VAL B 124 31.31 -14.74 -1.83
N GLN B 125 31.19 -15.60 -2.85
CA GLN B 125 31.85 -15.33 -4.12
C GLN B 125 31.38 -14.01 -4.72
N LEU B 126 30.09 -13.69 -4.58
CA LEU B 126 29.60 -12.43 -5.12
C LEU B 126 30.20 -11.25 -4.38
N VAL B 127 30.15 -11.30 -3.05
CA VAL B 127 30.68 -10.22 -2.24
C VAL B 127 32.17 -10.05 -2.51
N GLN B 128 32.90 -11.16 -2.59
CA GLN B 128 34.34 -11.07 -2.86
C GLN B 128 34.62 -10.45 -4.23
N LYS B 129 33.79 -10.75 -5.25
CA LYS B 129 34.01 -10.12 -6.54
C LYS B 129 33.92 -8.60 -6.43
N TRP B 130 32.91 -8.11 -5.72
CA TRP B 130 32.70 -6.67 -5.62
C TRP B 130 33.75 -6.01 -4.72
N GLU B 131 34.22 -6.71 -3.69
CA GLU B 131 35.29 -6.17 -2.85
C GLU B 131 36.56 -5.99 -3.65
N ARG B 132 36.72 -6.74 -4.73
CA ARG B 132 37.95 -6.77 -5.47
C ARG B 132 37.96 -5.86 -6.69
N LEU B 133 36.89 -5.09 -6.91
CA LEU B 133 36.88 -4.11 -7.99
C LEU B 133 37.81 -2.94 -7.68
N ASN B 134 38.43 -2.42 -8.72
CA ASN B 134 39.27 -1.25 -8.61
C ASN B 134 38.44 0.01 -8.52
N ALA B 135 39.12 1.12 -8.19
CA ALA B 135 38.43 2.40 -8.08
C ALA B 135 37.76 2.76 -9.39
N ASP B 136 36.57 3.35 -9.30
CA ASP B 136 35.82 3.82 -10.45
C ASP B 136 35.20 2.69 -11.29
N GLU B 137 35.46 1.43 -10.98
CA GLU B 137 34.80 0.34 -11.70
C GLU B 137 33.38 0.18 -11.20
N HIS B 138 32.53 -0.35 -12.07
CA HIS B 138 31.13 -0.50 -11.74
C HIS B 138 30.72 -1.95 -11.89
N ILE B 139 29.48 -2.21 -11.47
CA ILE B 139 28.88 -3.53 -11.42
C ILE B 139 27.78 -3.58 -12.47
N GLU B 140 27.74 -4.66 -13.24
CA GLU B 140 26.63 -4.93 -14.15
C GLU B 140 25.66 -5.81 -13.37
N VAL B 141 24.58 -5.23 -12.87
CA VAL B 141 23.80 -5.86 -11.80
C VAL B 141 23.11 -7.14 -12.31
N PRO B 142 22.28 -7.12 -13.36
CA PRO B 142 21.61 -8.37 -13.74
C PRO B 142 22.59 -9.47 -14.12
N GLU B 143 23.69 -9.10 -14.79
CA GLU B 143 24.74 -10.06 -15.14
C GLU B 143 25.31 -10.76 -13.91
N ASP B 144 25.64 -9.99 -12.86
CA ASP B 144 26.21 -10.62 -11.66
C ASP B 144 25.17 -11.35 -10.84
N MET B 145 23.90 -10.87 -10.81
CA MET B 145 22.87 -11.66 -10.15
C MET B 145 22.61 -12.97 -10.89
N THR B 146 22.77 -12.99 -12.20
CA THR B 146 22.62 -14.26 -12.94
C THR B 146 23.79 -15.19 -12.66
N ARG B 147 25.02 -14.66 -12.57
CA ARG B 147 26.13 -15.49 -12.09
C ARG B 147 25.79 -16.16 -10.77
N LEU B 148 25.30 -15.38 -9.81
CA LEU B 148 25.00 -15.91 -8.49
C LEU B 148 23.87 -16.92 -8.53
N THR B 149 22.76 -16.59 -9.16
CA THR B 149 21.62 -17.51 -9.05
C THR B 149 21.83 -18.79 -9.86
N LEU B 150 22.47 -18.70 -11.02
CA LEU B 150 22.78 -19.92 -11.77
C LEU B 150 23.69 -20.83 -10.95
N ASP B 151 24.75 -20.25 -10.37
CA ASP B 151 25.66 -21.06 -9.56
C ASP B 151 24.95 -21.66 -8.36
N THR B 152 24.02 -20.91 -7.75
CA THR B 152 23.34 -21.40 -6.55
C THR B 152 22.46 -22.61 -6.88
N ILE B 153 21.68 -22.54 -7.97
CA ILE B 153 20.82 -23.70 -8.24
C ILE B 153 21.67 -24.89 -8.69
N GLY B 154 22.76 -24.65 -9.42
CA GLY B 154 23.62 -25.75 -9.81
C GLY B 154 24.21 -26.47 -8.61
N LEU B 155 24.73 -25.70 -7.66
CA LEU B 155 25.41 -26.28 -6.50
C LEU B 155 24.40 -26.91 -5.54
N CYS B 156 23.38 -26.13 -5.12
CA CYS B 156 22.37 -26.63 -4.19
C CYS B 156 21.59 -27.81 -4.76
N GLY B 157 21.20 -27.72 -6.03
CA GLY B 157 20.29 -28.70 -6.58
C GLY B 157 20.99 -29.95 -7.08
N PHE B 158 22.23 -29.80 -7.58
CA PHE B 158 22.85 -30.86 -8.38
C PHE B 158 24.30 -31.12 -8.03
N ASN B 159 24.84 -30.41 -7.04
CA ASN B 159 26.27 -30.45 -6.72
C ASN B 159 27.13 -30.25 -7.97
N TYR B 160 26.73 -29.32 -8.83
CA TYR B 160 27.46 -28.96 -10.03
C TYR B 160 27.91 -27.51 -9.91
N ARG B 161 29.18 -27.25 -10.17
CA ARG B 161 29.71 -25.88 -10.12
C ARG B 161 29.78 -25.30 -11.54
N PHE B 162 28.91 -24.32 -11.82
CA PHE B 162 29.03 -23.58 -13.07
C PHE B 162 30.21 -22.63 -13.07
N ASN B 163 30.69 -22.25 -11.88
CA ASN B 163 31.85 -21.38 -11.73
C ASN B 163 31.67 -20.12 -12.56
N SER B 164 30.50 -19.49 -12.41
CA SER B 164 30.18 -18.33 -13.22
C SER B 164 31.04 -17.13 -12.86
N PHE B 165 31.55 -17.07 -11.65
CA PHE B 165 32.39 -15.93 -11.29
C PHE B 165 33.81 -16.08 -11.78
N TYR B 166 34.16 -17.22 -12.37
CA TYR B 166 35.45 -17.44 -13.00
C TYR B 166 35.39 -17.13 -14.50
N ARG B 167 34.32 -16.47 -14.96
CA ARG B 167 34.04 -16.36 -16.38
C ARG B 167 33.69 -14.92 -16.74
N ASP B 168 34.27 -14.43 -17.84
N ASP B 168 34.35 -14.43 -17.79
CA ASP B 168 33.90 -13.10 -18.31
CA ASP B 168 33.97 -13.17 -18.43
C ASP B 168 32.70 -13.12 -19.25
C ASP B 168 32.57 -13.28 -19.00
N GLN B 169 32.35 -14.28 -19.80
CA GLN B 169 31.14 -14.49 -20.58
C GLN B 169 30.27 -15.53 -19.91
N PRO B 170 28.96 -15.54 -20.18
CA PRO B 170 28.09 -16.55 -19.56
C PRO B 170 28.55 -17.97 -19.85
N HIS B 171 28.16 -18.87 -18.95
CA HIS B 171 28.48 -20.28 -19.11
C HIS B 171 27.93 -20.78 -20.44
N PRO B 172 28.65 -21.66 -21.15
CA PRO B 172 28.15 -22.17 -22.44
C PRO B 172 26.75 -22.75 -22.36
N PHE B 173 26.36 -23.33 -21.22
CA PHE B 173 25.03 -23.95 -21.14
C PHE B 173 23.92 -22.90 -21.27
N ILE B 174 24.07 -21.75 -20.59
CA ILE B 174 23.01 -20.77 -20.71
C ILE B 174 23.08 -20.05 -22.06
N THR B 175 24.29 -19.85 -22.59
CA THR B 175 24.38 -19.27 -23.94
C THR B 175 23.71 -20.15 -24.96
N SER B 176 23.91 -21.47 -24.86
CA SER B 176 23.30 -22.42 -25.80
C SER B 176 21.79 -22.50 -25.60
N MET B 177 21.31 -22.43 -24.36
CA MET B 177 19.87 -22.45 -24.15
C MET B 177 19.22 -21.22 -24.79
N VAL B 178 19.79 -20.03 -24.55
CA VAL B 178 19.20 -18.81 -25.11
C VAL B 178 19.26 -18.84 -26.63
N ARG B 179 20.38 -19.30 -27.18
CA ARG B 179 20.54 -19.29 -28.63
C ARG B 179 19.68 -20.35 -29.30
N ALA B 180 19.47 -21.48 -28.64
CA ALA B 180 18.59 -22.51 -29.19
C ALA B 180 17.13 -22.05 -29.16
N LEU B 181 16.70 -21.41 -28.06
CA LEU B 181 15.33 -20.90 -28.02
C LEU B 181 15.13 -19.82 -29.08
N ASP B 182 16.12 -18.94 -29.23
CA ASP B 182 16.04 -17.89 -30.23
C ASP B 182 15.92 -18.48 -31.64
N GLU B 183 16.79 -19.44 -31.96
CA GLU B 183 16.74 -20.07 -33.27
C GLU B 183 15.38 -20.71 -33.49
N ALA B 184 14.85 -21.37 -32.46
CA ALA B 184 13.56 -22.02 -32.60
C ALA B 184 12.46 -21.00 -32.91
N MET B 185 12.52 -19.83 -32.26
CA MET B 185 11.56 -18.76 -32.52
C MET B 185 11.73 -18.16 -33.91
N ASN B 186 12.99 -17.88 -34.30
CA ASN B 186 13.27 -17.32 -35.62
C ASN B 186 12.84 -18.26 -36.74
N LYS B 187 12.90 -19.57 -36.51
CA LYS B 187 12.49 -20.54 -37.51
C LYS B 187 11.01 -20.40 -37.84
N LEU B 188 10.20 -19.99 -36.87
CA LEU B 188 8.76 -19.88 -37.07
C LEU B 188 8.39 -18.79 -38.08
N GLN B 189 9.31 -17.85 -38.37
CA GLN B 189 9.03 -16.76 -39.28
C GLN B 189 9.80 -16.90 -40.59
N ARG B 190 10.35 -18.08 -40.86
CA ARG B 190 11.13 -18.35 -42.07
C ARG B 190 10.27 -18.98 -43.16
N ALA B 191 10.24 -18.34 -44.33
CA ALA B 191 9.40 -18.80 -45.42
C ALA B 191 9.93 -20.07 -46.06
N ASN B 192 11.24 -20.12 -46.33
CA ASN B 192 11.90 -21.29 -46.92
C ASN B 192 12.96 -21.77 -45.93
N PRO B 193 12.55 -22.44 -44.85
CA PRO B 193 13.52 -22.87 -43.83
C PRO B 193 14.55 -23.86 -44.33
N ASP B 194 14.34 -24.50 -45.48
CA ASP B 194 15.29 -25.44 -46.03
C ASP B 194 16.23 -24.85 -47.06
N ASP B 195 16.09 -23.55 -47.35
CA ASP B 195 17.10 -22.82 -48.11
C ASP B 195 18.48 -23.10 -47.50
N PRO B 196 19.48 -23.45 -48.31
CA PRO B 196 20.83 -23.69 -47.76
C PRO B 196 21.40 -22.51 -46.99
N ALA B 197 20.86 -21.30 -47.17
CA ALA B 197 21.34 -20.15 -46.41
C ALA B 197 21.21 -20.35 -44.90
N TYR B 198 20.31 -21.23 -44.45
CA TYR B 198 20.14 -21.52 -43.04
C TYR B 198 20.92 -22.73 -42.57
N ASP B 199 21.86 -23.24 -43.38
CA ASP B 199 22.66 -24.38 -42.94
C ASP B 199 23.41 -24.09 -41.64
N GLU B 200 23.99 -22.89 -41.51
CA GLU B 200 24.76 -22.58 -40.31
C GLU B 200 23.86 -22.46 -39.10
N ASN B 201 22.66 -21.92 -39.28
CA ASN B 201 21.66 -21.90 -38.21
C ASN B 201 21.39 -23.30 -37.71
N LYS B 202 21.22 -24.26 -38.64
CA LYS B 202 20.90 -25.61 -38.23
C LYS B 202 22.08 -26.30 -37.56
N ARG B 203 23.30 -26.04 -38.05
CA ARG B 203 24.49 -26.58 -37.40
C ARG B 203 24.62 -26.02 -35.99
N GLN B 204 24.44 -24.72 -35.83
CA GLN B 204 24.55 -24.11 -34.51
C GLN B 204 23.47 -24.65 -33.58
N PHE B 205 22.26 -24.89 -34.09
CA PHE B 205 21.19 -25.43 -33.25
C PHE B 205 21.56 -26.82 -32.74
N GLN B 206 22.11 -27.67 -33.60
CA GLN B 206 22.50 -29.01 -33.17
C GLN B 206 23.61 -28.95 -32.13
N GLU B 207 24.56 -28.03 -32.32
CA GLU B 207 25.63 -27.85 -31.35
C GLU B 207 25.09 -27.37 -30.01
N ASP B 208 24.11 -26.47 -30.03
CA ASP B 208 23.56 -25.96 -28.78
C ASP B 208 22.75 -27.05 -28.05
N ILE B 209 22.02 -27.88 -28.80
CA ILE B 209 21.30 -28.99 -28.19
C ILE B 209 22.29 -29.97 -27.56
N LYS B 210 23.45 -30.18 -28.20
CA LYS B 210 24.45 -31.09 -27.65
C LYS B 210 25.10 -30.52 -26.39
N VAL B 211 25.33 -29.21 -26.35
CA VAL B 211 25.87 -28.60 -25.13
C VAL B 211 24.94 -28.91 -23.94
N MET B 212 23.65 -28.71 -24.14
CA MET B 212 22.69 -28.93 -23.05
C MET B 212 22.60 -30.41 -22.70
N ASN B 213 22.51 -31.28 -23.70
CA ASN B 213 22.45 -32.71 -23.40
C ASN B 213 23.73 -33.20 -22.73
N ASP B 214 24.89 -32.68 -23.17
CA ASP B 214 26.14 -33.08 -22.55
C ASP B 214 26.17 -32.69 -21.08
N LEU B 215 25.66 -31.50 -20.73
CA LEU B 215 25.67 -31.08 -19.33
C LEU B 215 24.74 -31.95 -18.50
N VAL B 216 23.53 -32.22 -19.01
CA VAL B 216 22.61 -33.10 -18.27
C VAL B 216 23.23 -34.48 -18.09
N ASP B 217 23.82 -35.02 -19.17
CA ASP B 217 24.55 -36.29 -19.06
C ASP B 217 25.56 -36.25 -17.92
N LYS B 218 26.35 -35.17 -17.86
CA LYS B 218 27.42 -35.09 -16.88
C LYS B 218 26.87 -34.95 -15.46
N ILE B 219 25.81 -34.19 -15.28
CA ILE B 219 25.21 -34.07 -13.95
C ILE B 219 24.79 -35.42 -13.43
N ILE B 220 24.17 -36.25 -14.29
CA ILE B 220 23.68 -37.55 -13.86
C ILE B 220 24.85 -38.51 -13.66
N ALA B 221 25.81 -38.49 -14.58
CA ALA B 221 26.91 -39.45 -14.50
C ALA B 221 27.82 -39.17 -13.32
N ASP B 222 28.12 -37.90 -13.04
CA ASP B 222 28.97 -37.61 -11.90
C ASP B 222 28.30 -37.96 -10.58
N ARG B 223 26.98 -37.80 -10.49
CA ARG B 223 26.29 -38.26 -9.28
C ARG B 223 26.38 -39.78 -9.14
N LYS B 224 26.12 -40.53 -10.21
CA LYS B 224 26.15 -41.99 -10.09
C LYS B 224 27.53 -42.50 -9.73
N ALA B 225 28.58 -41.83 -10.18
CA ALA B 225 29.95 -42.23 -9.86
C ALA B 225 30.43 -41.75 -8.49
N SER B 226 29.67 -40.89 -7.82
CA SER B 226 30.20 -40.21 -6.65
C SER B 226 30.30 -41.16 -5.45
N GLY B 227 31.42 -41.04 -4.73
CA GLY B 227 31.61 -41.80 -3.50
C GLY B 227 31.29 -40.98 -2.26
N GLU B 228 30.46 -39.95 -2.42
CA GLU B 228 30.03 -39.13 -1.30
C GLU B 228 28.50 -39.17 -1.24
N GLN B 229 27.95 -39.01 -0.04
CA GLN B 229 26.50 -39.05 0.10
C GLN B 229 25.92 -37.65 -0.08
N SER B 230 25.03 -37.53 -1.05
CA SER B 230 24.27 -36.31 -1.30
C SER B 230 22.82 -36.53 -0.91
N ASP B 231 22.20 -35.47 -0.41
CA ASP B 231 20.75 -35.47 -0.26
C ASP B 231 20.29 -34.11 -0.76
N ASP B 232 20.09 -34.01 -2.07
CA ASP B 232 19.66 -32.76 -2.67
C ASP B 232 18.56 -33.02 -3.69
N LEU B 233 18.24 -31.98 -4.48
CA LEU B 233 17.15 -32.11 -5.45
C LEU B 233 17.41 -33.26 -6.42
N LEU B 234 18.64 -33.40 -6.89
CA LEU B 234 18.96 -34.47 -7.82
C LEU B 234 18.76 -35.83 -7.18
N THR B 235 19.13 -35.97 -5.90
CA THR B 235 18.91 -37.23 -5.18
C THR B 235 17.46 -37.68 -5.29
N HIS B 236 16.52 -36.74 -5.09
CA HIS B 236 15.10 -37.10 -5.14
C HIS B 236 14.65 -37.40 -6.55
N MET B 237 15.19 -36.68 -7.54
CA MET B 237 14.84 -37.00 -8.93
C MET B 237 15.26 -38.43 -9.26
N LEU B 238 16.45 -38.83 -8.83
CA LEU B 238 16.98 -40.13 -9.22
C LEU B 238 16.40 -41.27 -8.42
N ASN B 239 16.01 -41.01 -7.17
CA ASN B 239 15.65 -42.08 -6.25
C ASN B 239 14.23 -42.02 -5.71
N GLY B 240 13.56 -40.87 -5.79
CA GLY B 240 12.29 -40.71 -5.10
C GLY B 240 11.17 -41.48 -5.78
N LYS B 241 10.27 -42.05 -4.96
CA LYS B 241 9.10 -42.75 -5.45
C LYS B 241 7.85 -41.96 -5.08
N ASP B 242 6.91 -41.92 -6.00
CA ASP B 242 5.64 -41.23 -5.75
C ASP B 242 4.83 -42.03 -4.74
N PRO B 243 4.46 -41.45 -3.59
CA PRO B 243 3.68 -42.22 -2.61
C PRO B 243 2.34 -42.67 -3.15
N GLU B 244 1.76 -41.95 -4.12
CA GLU B 244 0.44 -42.32 -4.61
C GLU B 244 0.48 -43.61 -5.41
N THR B 245 1.51 -43.78 -6.24
CA THR B 245 1.58 -44.86 -7.23
C THR B 245 2.72 -45.83 -7.03
N GLY B 246 3.69 -45.49 -6.18
CA GLY B 246 4.91 -46.26 -6.06
C GLY B 246 5.95 -46.00 -7.13
N GLU B 247 5.65 -45.15 -8.18
CA GLU B 247 6.50 -45.00 -9.37
C GLU B 247 7.58 -43.94 -9.16
N PRO B 248 8.80 -44.21 -9.64
CA PRO B 248 9.83 -43.18 -9.72
C PRO B 248 9.71 -42.44 -11.05
N LEU B 249 10.45 -41.33 -11.15
CA LEU B 249 10.50 -40.62 -12.42
C LEU B 249 11.19 -41.48 -13.45
N ASP B 250 10.68 -41.48 -14.68
CA ASP B 250 11.39 -42.23 -15.69
C ASP B 250 12.56 -41.39 -16.23
N ASP B 251 13.43 -42.06 -16.98
CA ASP B 251 14.68 -41.44 -17.39
C ASP B 251 14.45 -40.21 -18.25
N GLU B 252 13.46 -40.26 -19.15
CA GLU B 252 13.18 -39.10 -20.00
C GLU B 252 12.69 -37.93 -19.16
N ASN B 253 11.80 -38.18 -18.21
CA ASN B 253 11.26 -37.08 -17.42
C ASN B 253 12.32 -36.50 -16.50
N ILE B 254 13.26 -37.31 -16.01
CA ILE B 254 14.35 -36.78 -15.21
C ILE B 254 15.14 -35.74 -15.98
N ARG B 255 15.43 -36.02 -17.27
CA ARG B 255 16.19 -35.07 -18.07
C ARG B 255 15.45 -33.74 -18.20
N TYR B 256 14.13 -33.80 -18.41
CA TYR B 256 13.33 -32.58 -18.48
C TYR B 256 13.35 -31.82 -17.16
N GLN B 257 13.27 -32.53 -16.02
CA GLN B 257 13.27 -31.83 -14.74
C GLN B 257 14.61 -31.16 -14.48
N ILE B 258 15.72 -31.81 -14.85
CA ILE B 258 17.04 -31.20 -14.64
C ILE B 258 17.12 -29.87 -15.36
N ILE B 259 16.77 -29.84 -16.65
CA ILE B 259 16.88 -28.55 -17.33
C ILE B 259 15.81 -27.58 -16.85
N THR B 260 14.62 -28.07 -16.51
CA THR B 260 13.58 -27.21 -15.96
C THR B 260 14.09 -26.48 -14.72
N PHE B 261 14.71 -27.20 -13.79
CA PHE B 261 15.16 -26.58 -12.55
C PHE B 261 16.39 -25.73 -12.75
N LEU B 262 17.28 -26.10 -13.69
CA LEU B 262 18.46 -25.26 -13.90
C LEU B 262 18.07 -23.87 -14.38
N ILE B 263 17.02 -23.80 -15.20
CA ILE B 263 16.61 -22.52 -15.77
C ILE B 263 15.63 -21.80 -14.86
N ALA B 264 14.53 -22.46 -14.47
CA ALA B 264 13.56 -21.83 -13.58
C ALA B 264 14.21 -21.42 -12.28
N GLY B 265 15.17 -22.20 -11.80
CA GLY B 265 15.76 -21.99 -10.50
C GLY B 265 16.70 -20.82 -10.41
N HIS B 266 16.99 -20.15 -11.53
CA HIS B 266 17.86 -18.98 -11.42
C HIS B 266 17.32 -17.72 -12.09
N GLU B 267 16.50 -17.85 -13.14
CA GLU B 267 16.26 -16.70 -14.01
C GLU B 267 15.46 -15.62 -13.29
N THR B 268 14.28 -15.97 -12.77
CA THR B 268 13.43 -14.99 -12.10
C THR B 268 14.08 -14.47 -10.82
N THR B 269 14.90 -15.29 -10.15
CA THR B 269 15.54 -14.83 -8.92
C THR B 269 16.59 -13.78 -9.22
N SER B 270 17.27 -13.90 -10.37
CA SER B 270 18.22 -12.89 -10.79
C SER B 270 17.50 -11.57 -11.04
N GLY B 271 16.36 -11.66 -11.72
CA GLY B 271 15.53 -10.48 -11.94
C GLY B 271 15.10 -9.83 -10.64
N LEU B 272 14.68 -10.64 -9.66
CA LEU B 272 14.20 -10.07 -8.40
C LEU B 272 15.28 -9.29 -7.70
N LEU B 273 16.45 -9.90 -7.55
CA LEU B 273 17.56 -9.22 -6.91
C LEU B 273 17.91 -7.92 -7.63
N SER B 274 17.87 -7.95 -8.97
CA SER B 274 18.19 -6.76 -9.76
C SER B 274 17.16 -5.66 -9.53
N PHE B 275 15.88 -6.00 -9.59
CA PHE B 275 14.86 -4.99 -9.32
C PHE B 275 14.94 -4.48 -7.89
N ALA B 276 15.22 -5.36 -6.93
CA ALA B 276 15.25 -4.90 -5.53
C ALA B 276 16.36 -3.87 -5.34
N LEU B 277 17.55 -4.16 -5.89
CA LEU B 277 18.65 -3.19 -5.79
C LEU B 277 18.30 -1.90 -6.51
N TYR B 278 17.69 -2.00 -7.69
CA TYR B 278 17.21 -0.81 -8.38
C TYR B 278 16.32 0.04 -7.48
N PHE B 279 15.31 -0.56 -6.86
CA PHE B 279 14.40 0.24 -6.05
C PHE B 279 15.09 0.79 -4.80
N LEU B 280 16.05 0.05 -4.24
CA LEU B 280 16.79 0.57 -3.10
C LEU B 280 17.60 1.81 -3.47
N VAL B 281 18.29 1.80 -4.62
CA VAL B 281 19.12 2.97 -4.90
C VAL B 281 18.27 4.14 -5.36
N LYS B 282 17.05 3.89 -5.86
CA LYS B 282 16.11 4.98 -6.14
C LYS B 282 15.36 5.48 -4.91
N ASN B 283 15.43 4.78 -3.79
CA ASN B 283 14.69 5.12 -2.57
C ASN B 283 15.65 5.02 -1.40
N PRO B 284 16.59 5.97 -1.30
CA PRO B 284 17.70 5.79 -0.34
C PRO B 284 17.25 5.72 1.11
N HIS B 285 16.09 6.32 1.47
CA HIS B 285 15.62 6.14 2.84
C HIS B 285 15.25 4.69 3.13
N VAL B 286 14.70 3.99 2.13
CA VAL B 286 14.42 2.56 2.30
C VAL B 286 15.71 1.75 2.35
N LEU B 287 16.67 2.08 1.48
CA LEU B 287 17.99 1.43 1.53
C LEU B 287 18.62 1.58 2.91
N GLN B 288 18.56 2.79 3.49
CA GLN B 288 19.14 2.99 4.81
C GLN B 288 18.48 2.09 5.86
N LYS B 289 17.14 2.00 5.85
CA LYS B 289 16.44 1.13 6.79
C LYS B 289 16.85 -0.34 6.60
N ALA B 290 16.92 -0.80 5.36
CA ALA B 290 17.30 -2.18 5.13
C ALA B 290 18.76 -2.43 5.54
N ALA B 291 19.65 -1.47 5.28
CA ALA B 291 21.04 -1.66 5.66
C ALA B 291 21.21 -1.65 7.19
N GLU B 292 20.42 -0.83 7.87
CA GLU B 292 20.43 -0.86 9.34
C GLU B 292 19.99 -2.22 9.88
N GLU B 293 18.96 -2.83 9.28
CA GLU B 293 18.59 -4.18 9.69
C GLU B 293 19.71 -5.17 9.41
N ALA B 294 20.30 -5.11 8.22
CA ALA B 294 21.38 -6.04 7.88
C ALA B 294 22.52 -5.94 8.88
N ALA B 295 22.89 -4.72 9.26
CA ALA B 295 23.99 -4.54 10.21
C ALA B 295 23.64 -5.08 11.59
N ARG B 296 22.39 -4.90 11.99
CA ARG B 296 21.90 -5.34 13.30
CA ARG B 296 21.95 -5.34 13.31
C ARG B 296 21.87 -6.85 13.41
N VAL B 297 21.42 -7.54 12.36
CA VAL B 297 21.16 -8.98 12.43
C VAL B 297 22.37 -9.80 12.03
N LEU B 298 23.09 -9.39 11.00
CA LEU B 298 24.15 -10.24 10.44
C LEU B 298 25.46 -9.94 11.16
N VAL B 299 25.52 -10.39 12.43
CA VAL B 299 26.62 -10.02 13.33
C VAL B 299 27.80 -10.96 13.26
N ASP B 300 27.73 -12.00 12.44
CA ASP B 300 28.79 -12.96 12.27
C ASP B 300 29.40 -12.83 10.89
N PRO B 301 30.63 -13.36 10.70
CA PRO B 301 31.31 -13.22 9.41
C PRO B 301 30.54 -13.78 8.24
N VAL B 302 29.76 -14.84 8.45
CA VAL B 302 28.84 -15.30 7.40
C VAL B 302 27.48 -15.56 8.05
N PRO B 303 26.39 -15.41 7.30
CA PRO B 303 25.06 -15.54 7.90
C PRO B 303 24.71 -16.99 8.20
N SER B 304 24.07 -17.19 9.34
CA SER B 304 23.43 -18.46 9.63
C SER B 304 22.04 -18.50 9.02
N TYR B 305 21.48 -19.71 8.94
CA TYR B 305 20.11 -19.87 8.47
C TYR B 305 19.15 -19.05 9.32
N LYS B 306 19.32 -19.11 10.65
CA LYS B 306 18.43 -18.40 11.56
C LYS B 306 18.50 -16.89 11.36
N GLN B 307 19.69 -16.36 11.11
CA GLN B 307 19.85 -14.92 10.89
C GLN B 307 19.14 -14.47 9.62
N VAL B 308 19.21 -15.26 8.54
CA VAL B 308 18.45 -14.92 7.34
C VAL B 308 16.95 -14.86 7.64
N LYS B 309 16.42 -15.81 8.43
CA LYS B 309 15.01 -15.78 8.81
C LYS B 309 14.64 -14.55 9.63
N GLN B 310 15.64 -13.89 10.24
N GLN B 310 15.62 -13.87 10.23
CA GLN B 310 15.45 -12.67 11.03
CA GLN B 310 15.31 -12.66 11.00
C GLN B 310 15.43 -11.41 10.18
C GLN B 310 15.49 -11.39 10.19
N LEU B 311 15.77 -11.49 8.88
CA LEU B 311 15.89 -10.28 8.05
C LEU B 311 14.51 -9.92 7.53
N LYS B 312 13.67 -9.44 8.46
CA LYS B 312 12.26 -9.19 8.15
C LYS B 312 12.11 -8.08 7.13
N TYR B 313 12.78 -6.94 7.34
CA TYR B 313 12.65 -5.81 6.42
C TYR B 313 13.24 -6.10 5.06
N VAL B 314 14.37 -6.82 5.00
CA VAL B 314 14.88 -7.27 3.69
C VAL B 314 13.82 -8.09 2.97
N GLY B 315 13.14 -8.98 3.69
CA GLY B 315 12.06 -9.75 3.10
C GLY B 315 10.94 -8.88 2.58
N MET B 316 10.62 -7.80 3.29
CA MET B 316 9.58 -6.88 2.83
C MET B 316 10.02 -6.14 1.57
N VAL B 317 11.27 -5.70 1.53
CA VAL B 317 11.86 -5.11 0.33
C VAL B 317 11.67 -6.02 -0.87
N LEU B 318 11.96 -7.32 -0.69
CA LEU B 318 11.85 -8.26 -1.81
C LEU B 318 10.41 -8.45 -2.25
N ASN B 319 9.48 -8.58 -1.30
CA ASN B 319 8.07 -8.67 -1.66
C ASN B 319 7.61 -7.42 -2.39
N GLU B 320 8.09 -6.23 -1.97
CA GLU B 320 7.65 -5.00 -2.62
C GLU B 320 8.25 -4.87 -4.02
N ALA B 321 9.46 -5.39 -4.25
CA ALA B 321 9.97 -5.46 -5.61
C ALA B 321 9.16 -6.44 -6.46
N LEU B 322 8.75 -7.58 -5.89
CA LEU B 322 7.88 -8.49 -6.62
C LEU B 322 6.49 -7.90 -6.83
N ARG B 323 6.05 -7.01 -5.94
CA ARG B 323 4.77 -6.36 -6.19
C ARG B 323 4.84 -5.51 -7.45
N LEU B 324 5.87 -4.66 -7.56
CA LEU B 324 5.93 -3.75 -8.69
C LEU B 324 6.31 -4.46 -9.99
N TRP B 325 7.32 -5.36 -9.96
CA TRP B 325 7.74 -6.04 -11.20
C TRP B 325 7.92 -7.53 -10.96
N PRO B 326 6.82 -8.26 -10.81
CA PRO B 326 6.93 -9.70 -10.63
C PRO B 326 7.63 -10.29 -11.86
N THR B 327 8.71 -11.05 -11.63
CA THR B 327 9.62 -11.31 -12.74
C THR B 327 9.17 -12.43 -13.66
N ALA B 328 8.18 -13.24 -13.25
CA ALA B 328 7.41 -14.07 -14.18
C ALA B 328 6.02 -13.45 -14.29
N PRO B 329 5.79 -12.53 -15.23
CA PRO B 329 4.73 -11.54 -15.03
C PRO B 329 3.34 -11.99 -15.42
N ALA B 330 3.16 -13.21 -15.92
CA ALA B 330 1.83 -13.65 -16.30
C ALA B 330 1.71 -15.15 -16.08
N PHE B 331 0.49 -15.61 -15.80
CA PHE B 331 0.23 -17.03 -15.83
C PHE B 331 -1.16 -17.20 -16.42
N SER B 332 -1.36 -18.36 -17.06
CA SER B 332 -2.54 -18.58 -17.88
C SER B 332 -3.43 -19.66 -17.25
N LEU B 333 -4.74 -19.48 -17.42
CA LEU B 333 -5.75 -20.40 -16.90
C LEU B 333 -6.76 -20.72 -18.00
N TYR B 334 -7.49 -21.83 -17.82
CA TYR B 334 -8.62 -22.07 -18.72
C TYR B 334 -9.84 -22.55 -17.93
N ALA B 335 -11.02 -22.29 -18.51
CA ALA B 335 -12.27 -22.70 -17.86
C ALA B 335 -12.47 -24.21 -18.00
N LYS B 336 -12.62 -24.90 -16.88
CA LYS B 336 -12.79 -26.35 -16.94
C LYS B 336 -14.15 -26.74 -17.49
N GLU B 337 -15.15 -25.89 -17.26
CA GLU B 337 -16.51 -26.06 -17.75
C GLU B 337 -17.05 -24.68 -18.12
N ASP B 338 -18.12 -24.66 -18.92
CA ASP B 338 -18.88 -23.43 -19.07
C ASP B 338 -19.16 -22.81 -17.71
N THR B 339 -18.97 -21.50 -17.60
CA THR B 339 -19.16 -20.85 -16.32
C THR B 339 -19.30 -19.36 -16.56
N VAL B 340 -19.65 -18.62 -15.51
CA VAL B 340 -19.79 -17.17 -15.56
C VAL B 340 -18.77 -16.56 -14.62
N LEU B 341 -17.93 -15.67 -15.16
CA LEU B 341 -16.89 -15.02 -14.37
C LEU B 341 -17.43 -13.70 -13.86
N GLY B 342 -17.33 -13.50 -12.54
CA GLY B 342 -17.64 -12.21 -11.96
C GLY B 342 -19.11 -11.84 -12.00
N GLY B 343 -19.99 -12.82 -12.22
CA GLY B 343 -21.39 -12.55 -12.40
C GLY B 343 -21.75 -11.83 -13.69
N GLU B 344 -20.78 -11.66 -14.60
CA GLU B 344 -20.94 -10.73 -15.72
C GLU B 344 -20.47 -11.29 -17.05
N TYR B 345 -19.50 -12.20 -17.07
CA TYR B 345 -18.79 -12.58 -18.30
C TYR B 345 -18.92 -14.07 -18.51
N PRO B 346 -19.79 -14.50 -19.41
CA PRO B 346 -19.93 -15.95 -19.65
C PRO B 346 -18.73 -16.49 -20.39
N LEU B 347 -18.27 -17.65 -19.94
CA LEU B 347 -17.13 -18.32 -20.54
C LEU B 347 -17.53 -19.72 -20.96
N GLU B 348 -16.97 -20.19 -22.07
CA GLU B 348 -17.15 -21.58 -22.45
C GLU B 348 -15.97 -22.40 -21.97
N LYS B 349 -16.23 -23.68 -21.73
CA LYS B 349 -15.19 -24.66 -21.47
C LYS B 349 -14.02 -24.45 -22.43
N GLY B 350 -12.82 -24.31 -21.88
CA GLY B 350 -11.62 -24.14 -22.67
C GLY B 350 -11.16 -22.72 -22.87
N ASP B 351 -12.02 -21.71 -22.65
CA ASP B 351 -11.63 -20.32 -22.84
C ASP B 351 -10.44 -19.98 -21.93
N GLU B 352 -9.48 -19.24 -22.49
CA GLU B 352 -8.25 -18.95 -21.78
CA GLU B 352 -8.22 -18.92 -21.80
C GLU B 352 -8.34 -17.58 -21.10
N LEU B 353 -7.75 -17.50 -19.92
CA LEU B 353 -7.65 -16.27 -19.15
C LEU B 353 -6.16 -16.05 -18.88
N MET B 354 -5.71 -14.81 -18.94
CA MET B 354 -4.32 -14.50 -18.61
C MET B 354 -4.31 -13.54 -17.44
N VAL B 355 -3.62 -13.92 -16.38
CA VAL B 355 -3.43 -13.05 -15.21
C VAL B 355 -2.26 -12.14 -15.50
N LEU B 356 -2.53 -10.85 -15.61
CA LEU B 356 -1.50 -9.84 -15.84
C LEU B 356 -1.00 -9.39 -14.46
N ILE B 357 0.02 -10.10 -13.94
CA ILE B 357 0.37 -9.92 -12.51
C ILE B 357 0.78 -8.49 -12.19
N PRO B 358 1.62 -7.81 -12.97
CA PRO B 358 1.98 -6.44 -12.57
C PRO B 358 0.76 -5.55 -12.45
N GLN B 359 -0.27 -5.82 -13.25
CA GLN B 359 -1.45 -4.95 -13.17
C GLN B 359 -2.32 -5.31 -11.96
N LEU B 360 -2.47 -6.60 -11.67
CA LEU B 360 -3.06 -7.04 -10.40
C LEU B 360 -2.42 -6.32 -9.22
N HIS B 361 -1.10 -6.25 -9.23
CA HIS B 361 -0.36 -5.68 -8.12
C HIS B 361 -0.48 -4.17 -8.06
N ARG B 362 -1.15 -3.56 -9.04
CA ARG B 362 -1.48 -2.13 -9.06
C ARG B 362 -2.99 -1.88 -8.89
N ASP B 363 -3.73 -2.87 -8.39
CA ASP B 363 -5.18 -2.72 -8.14
C ASP B 363 -5.38 -1.72 -7.01
N LYS B 364 -5.82 -0.51 -7.35
CA LYS B 364 -5.93 0.54 -6.35
C LYS B 364 -7.02 0.27 -5.33
N THR B 365 -8.00 -0.58 -5.66
CA THR B 365 -9.01 -0.92 -4.67
C THR B 365 -8.47 -1.82 -3.56
N ILE B 366 -7.32 -2.47 -3.77
CA ILE B 366 -6.64 -3.24 -2.73
C ILE B 366 -5.57 -2.41 -2.02
N TRP B 367 -4.68 -1.80 -2.80
CA TRP B 367 -3.45 -1.24 -2.26
C TRP B 367 -3.55 0.24 -1.91
N GLY B 368 -4.62 0.92 -2.32
CA GLY B 368 -4.67 2.37 -2.20
C GLY B 368 -4.13 3.04 -3.45
N ASP B 369 -4.15 4.37 -3.46
CA ASP B 369 -3.84 5.05 -4.73
C ASP B 369 -2.35 5.09 -5.03
N ASP B 370 -1.49 4.91 -4.03
CA ASP B 370 -0.02 5.05 -4.15
C ASP B 370 0.67 3.82 -4.74
N VAL B 371 0.06 3.13 -5.70
CA VAL B 371 0.60 1.84 -6.10
C VAL B 371 1.94 1.93 -6.79
N GLU B 372 2.32 3.09 -7.35
CA GLU B 372 3.63 3.16 -7.98
C GLU B 372 4.75 3.44 -6.99
N GLU B 373 4.45 3.75 -5.73
CA GLU B 373 5.50 4.06 -4.76
C GLU B 373 6.11 2.77 -4.20
N PHE B 374 7.43 2.79 -4.00
CA PHE B 374 8.14 1.65 -3.42
C PHE B 374 8.11 1.80 -1.91
N ARG B 375 7.28 0.98 -1.27
CA ARG B 375 7.01 1.11 0.17
C ARG B 375 6.95 -0.27 0.80
N PRO B 376 8.09 -0.82 1.21
CA PRO B 376 8.10 -2.18 1.81
C PRO B 376 7.19 -2.34 3.02
N GLU B 377 6.92 -1.26 3.74
CA GLU B 377 6.04 -1.33 4.91
C GLU B 377 4.65 -1.87 4.56
N ARG B 378 4.26 -1.87 3.28
CA ARG B 378 3.01 -2.52 2.87
C ARG B 378 2.94 -3.96 3.36
N PHE B 379 4.10 -4.60 3.53
CA PHE B 379 4.23 -6.01 3.84
C PHE B 379 4.63 -6.27 5.29
N GLU B 380 4.44 -5.27 6.15
CA GLU B 380 4.76 -5.43 7.57
C GLU B 380 4.05 -6.64 8.17
N ASN B 381 2.79 -6.84 7.81
CA ASN B 381 1.99 -7.98 8.27
C ASN B 381 1.48 -8.71 7.04
N PRO B 382 2.25 -9.65 6.48
CA PRO B 382 1.86 -10.25 5.20
C PRO B 382 0.52 -10.96 5.25
N SER B 383 0.14 -11.50 6.40
CA SER B 383 -1.11 -12.25 6.53
C SER B 383 -2.34 -11.36 6.33
N ALA B 384 -2.18 -10.04 6.47
CA ALA B 384 -3.28 -9.09 6.35
C ALA B 384 -3.50 -8.65 4.91
N ILE B 385 -2.68 -9.09 3.97
CA ILE B 385 -2.95 -8.80 2.57
C ILE B 385 -4.04 -9.76 2.07
N PRO B 386 -5.11 -9.26 1.45
CA PRO B 386 -6.21 -10.15 1.05
C PRO B 386 -5.72 -11.26 0.14
N GLN B 387 -6.33 -12.45 0.29
CA GLN B 387 -5.94 -13.58 -0.56
C GLN B 387 -6.11 -13.19 -2.02
N HIS B 388 -5.14 -13.62 -2.83
CA HIS B 388 -5.10 -13.46 -4.28
C HIS B 388 -4.84 -12.02 -4.73
N ALA B 389 -4.55 -11.10 -3.81
CA ALA B 389 -4.08 -9.77 -4.19
C ALA B 389 -2.63 -9.74 -4.63
N PHE B 390 -1.83 -10.69 -4.18
CA PHE B 390 -0.40 -10.69 -4.39
C PHE B 390 -0.01 -12.08 -4.87
N LYS B 391 0.32 -12.20 -6.17
CA LYS B 391 0.51 -13.53 -6.80
C LYS B 391 1.78 -13.66 -7.64
N PRO B 392 2.93 -13.25 -7.12
CA PRO B 392 4.14 -13.36 -7.95
C PRO B 392 4.57 -14.79 -8.18
N PHE B 393 4.07 -15.74 -7.41
CA PHE B 393 4.45 -17.14 -7.54
C PHE B 393 3.31 -17.99 -8.11
N GLY B 394 2.33 -17.37 -8.75
CA GLY B 394 1.27 -18.16 -9.37
C GLY B 394 0.22 -18.59 -8.35
N ASN B 395 -0.46 -19.69 -8.66
CA ASN B 395 -1.66 -20.05 -7.91
C ASN B 395 -1.78 -21.53 -7.60
N GLY B 396 -2.14 -21.83 -6.34
CA GLY B 396 -2.70 -23.13 -5.97
C GLY B 396 -1.70 -24.26 -6.13
N GLN B 397 -2.19 -25.41 -6.61
CA GLN B 397 -1.27 -26.54 -6.72
C GLN B 397 -0.22 -26.31 -7.80
N ARG B 398 -0.45 -25.36 -8.73
CA ARG B 398 0.53 -25.04 -9.75
C ARG B 398 1.34 -23.81 -9.40
N ALA B 399 1.33 -23.41 -8.13
CA ALA B 399 2.19 -22.31 -7.69
C ALA B 399 3.66 -22.72 -7.76
N CYS B 400 4.53 -21.71 -7.70
CA CYS B 400 5.96 -21.98 -7.81
C CYS B 400 6.46 -22.89 -6.70
N ILE B 401 7.03 -24.04 -7.09
CA ILE B 401 7.58 -24.93 -6.08
C ILE B 401 8.86 -24.37 -5.46
N GLY B 402 9.52 -23.44 -6.17
CA GLY B 402 10.78 -22.86 -5.76
C GLY B 402 10.65 -21.59 -4.97
N GLN B 403 9.44 -21.21 -4.53
CA GLN B 403 9.23 -19.89 -3.92
C GLN B 403 10.13 -19.67 -2.69
N GLN B 404 10.16 -20.64 -1.77
CA GLN B 404 10.95 -20.43 -0.55
C GLN B 404 12.45 -20.49 -0.82
N PHE B 405 12.87 -21.27 -1.83
CA PHE B 405 14.26 -21.31 -2.26
C PHE B 405 14.70 -19.94 -2.78
N ALA B 406 13.87 -19.35 -3.65
CA ALA B 406 14.19 -18.05 -4.20
C ALA B 406 14.28 -17.00 -3.11
N LEU B 407 13.29 -16.97 -2.20
CA LEU B 407 13.26 -15.94 -1.17
C LEU B 407 14.38 -16.12 -0.16
N HIS B 408 14.73 -17.37 0.17
CA HIS B 408 15.85 -17.54 1.09
C HIS B 408 17.15 -17.06 0.46
N GLU B 409 17.42 -17.49 -0.78
CA GLU B 409 18.62 -17.05 -1.47
C GLU B 409 18.67 -15.52 -1.59
N ALA B 410 17.56 -14.92 -2.03
CA ALA B 410 17.53 -13.48 -2.27
C ALA B 410 17.69 -12.69 -0.97
N THR B 411 17.08 -13.18 0.10
CA THR B 411 17.19 -12.50 1.39
C THR B 411 18.61 -12.59 1.91
N LEU B 412 19.22 -13.79 1.84
CA LEU B 412 20.62 -13.96 2.25
C LEU B 412 21.53 -13.03 1.49
N VAL B 413 21.37 -13.01 0.15
CA VAL B 413 22.30 -12.25 -0.68
C VAL B 413 22.08 -10.75 -0.51
N LEU B 414 20.81 -10.31 -0.51
CA LEU B 414 20.56 -8.89 -0.39
C LEU B 414 21.02 -8.38 0.98
N GLY B 415 20.81 -9.19 2.03
CA GLY B 415 21.32 -8.82 3.35
C GLY B 415 22.83 -8.66 3.37
N MET B 416 23.55 -9.62 2.76
CA MET B 416 25.00 -9.52 2.70
C MET B 416 25.46 -8.31 1.90
N MET B 417 24.77 -8.00 0.78
CA MET B 417 25.12 -6.81 -0.01
C MET B 417 25.01 -5.54 0.80
N LEU B 418 23.95 -5.43 1.59
CA LEU B 418 23.65 -4.24 2.38
C LEU B 418 24.51 -4.16 3.62
N LYS B 419 24.97 -5.30 4.11
CA LYS B 419 25.97 -5.28 5.18
C LYS B 419 27.32 -4.77 4.68
N HIS B 420 27.73 -5.16 3.46
CA HIS B 420 29.11 -5.01 3.07
C HIS B 420 29.41 -3.79 2.21
N PHE B 421 28.41 -3.14 1.61
CA PHE B 421 28.67 -2.07 0.66
C PHE B 421 27.66 -0.94 0.80
N ASP B 422 28.12 0.27 0.49
CA ASP B 422 27.24 1.37 0.12
C ASP B 422 27.12 1.38 -1.39
N PHE B 423 25.94 1.76 -1.89
CA PHE B 423 25.66 1.70 -3.32
C PHE B 423 25.40 3.08 -3.90
N GLU B 424 25.89 3.28 -5.10
CA GLU B 424 25.73 4.54 -5.82
C GLU B 424 25.10 4.29 -7.18
N ASP B 425 24.00 4.99 -7.46
CA ASP B 425 23.37 4.95 -8.78
C ASP B 425 24.11 5.97 -9.67
N HIS B 426 25.34 5.60 -10.04
CA HIS B 426 26.27 6.57 -10.60
C HIS B 426 25.86 7.08 -12.00
N THR B 427 25.00 6.36 -12.71
CA THR B 427 24.57 6.81 -14.03
C THR B 427 23.17 7.43 -14.02
N ASN B 428 22.55 7.59 -12.86
CA ASN B 428 21.13 7.96 -12.73
C ASN B 428 20.28 7.11 -13.68
N TYR B 429 20.37 5.80 -13.45
CA TYR B 429 19.88 4.81 -14.41
C TYR B 429 18.39 4.96 -14.67
N GLU B 430 18.02 4.93 -15.96
CA GLU B 430 16.62 5.01 -16.38
C GLU B 430 16.09 3.60 -16.60
N LEU B 431 15.09 3.21 -15.80
CA LEU B 431 14.57 1.85 -15.88
C LEU B 431 14.18 1.46 -17.31
N ASP B 432 14.73 0.35 -17.77
CA ASP B 432 14.46 -0.23 -19.09
C ASP B 432 14.21 -1.71 -18.87
N ILE B 433 12.95 -2.13 -18.95
CA ILE B 433 12.58 -3.50 -18.59
C ILE B 433 12.54 -4.35 -19.86
N LYS B 434 13.48 -5.28 -19.97
CA LYS B 434 13.56 -6.21 -21.08
C LYS B 434 12.68 -7.41 -20.77
N GLU B 435 11.91 -7.83 -21.76
CA GLU B 435 10.95 -8.90 -21.61
C GLU B 435 11.44 -10.08 -22.42
N THR B 436 11.68 -11.20 -21.74
CA THR B 436 11.85 -12.45 -22.43
C THR B 436 10.67 -13.31 -22.01
N LEU B 437 10.89 -14.48 -21.44
CA LEU B 437 9.81 -15.06 -20.68
C LEU B 437 9.78 -14.51 -19.26
N THR B 438 10.78 -13.70 -18.88
CA THR B 438 10.81 -13.06 -17.56
C THR B 438 11.16 -11.58 -17.76
N LEU B 439 11.27 -10.84 -16.65
CA LEU B 439 11.61 -9.41 -16.69
C LEU B 439 12.95 -9.14 -16.01
N LYS B 440 13.70 -8.19 -16.55
CA LYS B 440 14.98 -7.70 -16.01
C LYS B 440 15.11 -6.20 -16.24
N PRO B 441 15.78 -5.46 -15.34
CA PRO B 441 16.15 -4.07 -15.65
C PRO B 441 17.43 -4.04 -16.47
N GLU B 442 17.27 -4.08 -17.80
CA GLU B 442 18.40 -4.15 -18.71
C GLU B 442 19.36 -2.98 -18.54
N GLY B 443 20.66 -3.28 -18.44
CA GLY B 443 21.66 -2.25 -18.34
C GLY B 443 21.76 -1.59 -16.99
N PHE B 444 21.07 -2.11 -15.98
CA PHE B 444 21.20 -1.54 -14.65
C PHE B 444 22.62 -1.74 -14.13
N VAL B 445 23.28 -0.63 -13.74
CA VAL B 445 24.65 -0.63 -13.23
C VAL B 445 24.67 0.24 -11.99
N VAL B 446 25.55 -0.11 -11.05
CA VAL B 446 25.78 0.67 -9.82
C VAL B 446 27.29 0.65 -9.53
N LYS B 447 27.71 1.50 -8.60
CA LYS B 447 29.02 1.35 -7.96
C LYS B 447 28.84 0.97 -6.51
N ALA B 448 29.71 0.10 -6.01
CA ALA B 448 29.64 -0.37 -4.63
C ALA B 448 30.92 0.07 -3.93
N LYS B 449 30.76 0.82 -2.85
CA LYS B 449 31.88 1.23 -2.00
C LYS B 449 31.92 0.33 -0.77
N SER B 450 32.99 -0.43 -0.63
CA SER B 450 33.10 -1.37 0.47
C SER B 450 33.04 -0.67 1.82
N LYS B 451 32.28 -1.25 2.75
CA LYS B 451 32.32 -0.84 4.14
C LYS B 451 33.48 -1.48 4.90
N LYS B 452 34.29 -2.31 4.23
CA LYS B 452 35.51 -2.91 4.77
C LYS B 452 35.21 -3.78 5.99
N ILE B 453 34.15 -4.56 5.90
CA ILE B 453 33.75 -5.47 6.96
C ILE B 453 34.18 -6.87 6.56
N PRO B 454 35.03 -7.53 7.33
CA PRO B 454 35.62 -8.79 6.86
C PRO B 454 34.59 -9.90 6.78
N LEU B 455 34.86 -10.85 5.90
CA LEU B 455 34.05 -12.04 5.69
C LEU B 455 34.61 -13.25 6.46
N GLY B 456 33.34 -19.24 7.73
CA GLY B 456 34.49 -19.43 6.86
C GLY B 456 35.33 -18.19 6.65
N GLY B 457 36.46 -18.11 7.35
CA GLY B 457 37.38 -17.00 7.22
C GLY B 457 38.08 -16.53 8.49
CHA HEM C . -8.77 8.62 11.29
CHB HEM C . -7.81 13.40 11.39
CHC HEM C . -11.25 14.16 8.09
CHD HEM C . -12.79 9.58 8.75
C1A HEM C . -8.20 9.83 11.60
C2A HEM C . -7.06 10.06 12.48
C3A HEM C . -6.80 11.37 12.49
C4A HEM C . -7.77 12.04 11.65
CMA HEM C . -5.69 12.09 13.28
CAA HEM C . -6.27 8.97 13.26
CBA HEM C . -7.01 8.73 14.59
CGA HEM C . -6.24 7.84 15.53
O1A HEM C . -6.82 7.48 16.58
O2A HEM C . -5.06 7.50 15.25
C1B HEM C . -8.62 14.02 10.47
C2B HEM C . -8.55 15.42 10.08
C3B HEM C . -9.52 15.65 9.17
C4B HEM C . -10.21 14.40 8.94
CMB HEM C . -7.54 16.43 10.69
CAB HEM C . -9.89 16.95 8.41
CBB HEM C . -9.02 17.92 8.12
C1C HEM C . -11.92 12.97 7.99
C2C HEM C . -13.02 12.74 7.06
C3C HEM C . -13.45 11.48 7.24
C4C HEM C . -12.64 10.87 8.29
CMC HEM C . -13.48 13.82 6.06
CAC HEM C . -14.56 10.68 6.50
CBC HEM C . -15.06 11.07 5.31
C1D HEM C . -11.81 8.90 9.46
C2D HEM C . -11.81 7.51 9.77
C3D HEM C . -10.69 7.22 10.46
C4D HEM C . -9.95 8.46 10.62
CMD HEM C . -12.93 6.53 9.36
CAD HEM C . -10.21 5.85 11.01
CBD HEM C . -9.29 5.21 9.96
CGD HEM C . -8.99 3.78 10.36
O1D HEM C . -8.44 3.61 11.49
O2D HEM C . -9.27 2.84 9.55
NA HEM C . -8.61 11.06 11.12
NB HEM C . -9.67 13.41 9.75
NC HEM C . -11.74 11.81 8.73
ND HEM C . -10.66 9.48 10.00
FE HEM C . -10.20 11.45 9.91
F1 VOR D . -13.17 10.44 17.82
F2 VOR D . -13.52 14.36 12.82
F3 VOR D . -15.74 7.09 15.66
O4 VOR D . -15.25 13.16 15.17
N5 VOR D . -15.71 12.94 17.92
N6 VOR D . -11.59 11.41 13.88
N7 VOR D . -16.75 13.80 17.76
N8 VOR D . -17.42 12.16 18.98
N9 VOR D . -11.50 11.91 11.59
C10 VOR D . -14.25 12.55 15.96
C11 VOR D . -12.84 12.92 15.45
C12 VOR D . -14.36 13.06 17.40
C13 VOR D . -14.58 11.05 15.94
C14 VOR D . -11.71 12.51 16.42
C15 VOR D . -12.36 12.46 14.05
C16 VOR D . -14.06 10.11 16.83
C17 VOR D . -15.51 10.67 14.97
C18 VOR D . -12.74 13.25 13.04
C19 VOR D . -14.46 8.78 16.71
C20 VOR D . -15.90 9.35 14.86
C21 VOR D . -16.13 11.94 18.67
C22 VOR D . -15.38 8.41 15.73
C23 VOR D . -12.32 12.96 11.78
C24 VOR D . -11.14 11.12 12.63
C25 VOR D . -17.79 13.32 18.41
P PO4 E . 10.53 22.60 6.02
O1 PO4 E . 11.40 23.30 7.05
O2 PO4 E . 11.36 22.19 4.82
O3 PO4 E . 9.44 23.55 5.56
O4 PO4 E . 9.92 21.37 6.64
P PO4 F . -6.12 41.80 11.24
O1 PO4 F . -7.22 42.76 11.66
O2 PO4 F . -5.38 42.31 10.02
O3 PO4 F . -6.78 40.49 10.90
O4 PO4 F . -5.12 41.59 12.36
P PO4 G . -26.09 37.79 10.94
O1 PO4 G . -25.51 39.18 10.81
O2 PO4 G . -26.45 37.25 9.57
O3 PO4 G . -25.09 36.86 11.61
O4 PO4 G . -27.35 37.83 11.77
C1 GOL H . -2.14 -3.83 2.18
C1 GOL H . -1.52 -3.63 1.90
O1 GOL H . -1.44 -4.25 3.34
O1 GOL H . -0.88 -3.07 3.04
C2 GOL H . -3.64 -4.10 2.37
C2 GOL H . -3.03 -3.40 1.81
O2 GOL H . -3.77 -5.27 3.12
O2 GOL H . -3.77 -4.60 1.92
C3 GOL H . -4.27 -2.93 3.13
C3 GOL H . -3.57 -2.34 2.78
O3 GOL H . -5.69 -3.09 3.11
O3 GOL H . -4.48 -1.47 2.11
C1 GOL I . -26.13 35.61 -6.29
O1 GOL I . -25.60 36.92 -6.25
C2 GOL I . -27.35 35.60 -5.37
O2 GOL I . -27.58 36.91 -4.93
C3 GOL I . -28.58 35.11 -6.10
O3 GOL I . -29.69 35.35 -5.25
C1 GOL J . -8.34 9.32 17.73
O1 GOL J . -7.36 8.43 17.18
C2 GOL J . -7.74 10.59 18.32
O2 GOL J . -7.86 10.67 19.74
C3 GOL J . -8.38 11.84 17.73
O3 GOL J . -7.99 12.97 18.49
C1 EDO K . -25.33 4.50 19.23
O1 EDO K . -24.51 4.00 18.16
C2 EDO K . -26.17 5.67 18.73
O2 EDO K . -27.27 5.17 17.97
CHA HEM L . 6.20 -22.21 -11.19
CHB HEM L . 7.46 -17.54 -10.45
CHC HEM L . 11.70 -18.98 -8.57
CHD HEM L . 10.78 -23.51 -10.13
C1A HEM L . 6.15 -20.82 -11.12
C2A HEM L . 5.03 -20.01 -11.50
C3A HEM L . 5.39 -18.73 -11.28
C4A HEM L . 6.76 -18.69 -10.79
CMA HEM L . 4.56 -17.45 -11.53
CAA HEM L . 3.67 -20.49 -12.03
CBA HEM L . 3.76 -20.59 -13.57
CGA HEM L . 2.42 -20.83 -14.25
O1A HEM L . 2.44 -21.09 -15.49
O2A HEM L . 1.36 -20.76 -13.62
C1B HEM L . 8.69 -17.50 -9.84
C2B HEM L . 9.37 -16.35 -9.33
C3B HEM L . 10.57 -16.73 -8.83
C4B HEM L . 10.65 -18.17 -8.99
CMB HEM L . 8.76 -14.93 -9.46
CAB HEM L . 11.68 -15.90 -8.14
CBB HEM L . 11.40 -14.75 -7.51
C1C HEM L . 11.80 -20.34 -8.84
C2C HEM L . 12.88 -21.18 -8.35
C3C HEM L . 12.64 -22.44 -8.79
C4C HEM L . 11.38 -22.42 -9.53
CMC HEM L . 14.05 -20.64 -7.49
CAC HEM L . 13.44 -23.74 -8.58
CBC HEM L . 14.31 -23.89 -7.57
C1D HEM L . 9.45 -23.53 -10.52
C2D HEM L . 8.73 -24.71 -10.91
C3D HEM L . 7.47 -24.36 -11.20
C4D HEM L . 7.34 -22.94 -11.00
CMD HEM L . 9.34 -26.13 -11.00
CAD HEM L . 6.32 -25.31 -11.64
CBD HEM L . 5.54 -25.73 -10.40
CGD HEM L . 4.43 -26.70 -10.79
O1D HEM L . 4.40 -27.84 -10.26
O2D HEM L . 3.56 -26.32 -11.60
NA HEM L . 7.20 -20.01 -10.70
NB HEM L . 9.49 -18.60 -9.60
NC HEM L . 10.87 -21.12 -9.55
ND HEM L . 8.57 -22.48 -10.60
FE HEM L . 9.01 -20.55 -10.12
F1 VOR M . 8.90 -20.78 -18.60
F2 VOR M . 12.28 -18.50 -13.85
F3 VOR M . 10.14 -25.24 -17.94
O4 VOR M . 12.62 -19.78 -16.54
N5 VOR M . 12.15 -19.63 -19.39
N6 VOR M . 9.08 -20.19 -14.35
N7 VOR M . 11.85 -20.61 -20.28
N8 VOR M . 13.90 -20.04 -20.57
N9 VOR M . 9.83 -20.23 -12.12
C10 VOR M . 11.30 -19.77 -17.06
C11 VOR M . 10.41 -18.96 -16.10
C12 VOR M . 11.28 -19.03 -18.39
C13 VOR M . 10.90 -21.23 -17.32
C14 VOR M . 9.01 -18.66 -16.63
C15 VOR M . 10.15 -19.50 -14.69
C16 VOR M . 9.79 -21.65 -18.04
C17 VOR M . 11.78 -22.17 -16.80
C18 VOR M . 11.06 -19.14 -13.81
C19 VOR M . 9.56 -23.01 -18.22
C20 VOR M . 11.55 -23.53 -16.98
C21 VOR M . 13.41 -19.28 -19.59
C22 VOR M . 10.44 -23.94 -17.71
C23 VOR M . 10.92 -19.55 -12.50
C24 VOR M . 8.92 -20.55 -13.05
C25 VOR M . 12.93 -20.86 -20.99
P PO4 N . 14.23 -29.75 -29.47
O1 PO4 N . 13.45 -28.51 -29.88
O2 PO4 N . 14.93 -29.53 -28.15
O3 PO4 N . 15.26 -30.07 -30.52
O4 PO4 N . 13.25 -30.90 -29.35
P PO4 O . 20.89 8.48 -18.16
O1 PO4 O . 20.97 9.64 -19.13
O2 PO4 O . 20.20 8.98 -16.90
O3 PO4 O . 22.29 7.99 -17.82
O4 PO4 O . 20.07 7.35 -18.78
C1 GOL P . 19.37 7.98 -7.47
O1 GOL P . 20.06 8.51 -8.58
C2 GOL P . 18.44 9.04 -6.91
O2 GOL P . 17.28 9.13 -7.74
C3 GOL P . 18.05 8.64 -5.51
O3 GOL P . 17.45 9.74 -4.84
#